data_4GMD
#
_entry.id   4GMD
#
_cell.length_a   44.500
_cell.length_b   123.404
_cell.length_c   73.920
_cell.angle_alpha   90.00
_cell.angle_beta   100.00
_cell.angle_gamma   90.00
#
_symmetry.space_group_name_H-M   'P 1 21 1'
#
loop_
_entity.id
_entity.type
_entity.pdbx_description
1 polymer 'Thymidylate kinase'
2 non-polymer "3'-AZIDO-3'-DEOXYTHYMIDINE-5'-MONOPHOSPHATE"
3 non-polymer 'CHLORIDE ION'
4 non-polymer GLYCEROL
5 non-polymer 'CALCIUM ION'
6 water water
#
_entity_poly.entity_id   1
_entity_poly.type   'polypeptide(L)'
_entity_poly.pdbx_seq_one_letter_code
;SNAMTGLFVTLEGPEGAGKSTNRDYLAERLRERGIEVQLTREPGGTPLAERIRELLLAPSDEPMAADTELLLMFAARAQH
LAGVIRPALARGAVVLCDRFTDATYAYQGGGRGLPEARIAALESFVQGDLRPDLTLVFDLPVEIGLARAAARGRLDRFEQ
EDRRFFEAVRQTYLQRAAQAPERYQVLDAGLPLAEVQAGLDRLLPNLLERLNG
;
_entity_poly.pdbx_strand_id   A,B,C,D
#
loop_
_chem_comp.id
_chem_comp.type
_chem_comp.name
_chem_comp.formula
ATM DNA linking 3'-AZIDO-3'-DEOXYTHYMIDINE-5'-MONOPHOSPHATE 'C10 H14 N5 O7 P'
CA non-polymer 'CALCIUM ION' 'Ca 2'
CL non-polymer 'CHLORIDE ION' 'Cl -1'
GOL non-polymer GLYCEROL 'C3 H8 O3'
#
# COMPACT_ATOMS: atom_id res chain seq x y z
N THR A 5 -1.64 -26.66 -14.98
CA THR A 5 -0.38 -25.95 -14.76
C THR A 5 0.11 -25.27 -16.04
N GLY A 6 -0.18 -23.99 -16.19
CA GLY A 6 0.28 -23.24 -17.34
C GLY A 6 1.59 -22.53 -17.08
N LEU A 7 1.95 -21.63 -17.99
CA LEU A 7 3.15 -20.82 -17.84
C LEU A 7 2.84 -19.42 -18.35
N PHE A 8 3.26 -18.43 -17.56
CA PHE A 8 2.98 -17.03 -17.85
C PHE A 8 4.25 -16.43 -18.41
N VAL A 9 4.25 -16.19 -19.71
CA VAL A 9 5.42 -15.63 -20.37
C VAL A 9 5.06 -14.24 -20.90
N THR A 10 5.88 -13.25 -20.59
CA THR A 10 5.64 -11.92 -21.14
C THR A 10 6.77 -11.54 -22.10
N LEU A 11 6.46 -10.67 -23.04
CA LEU A 11 7.42 -10.19 -24.02
C LEU A 11 7.50 -8.68 -23.93
N GLU A 12 8.70 -8.14 -23.72
CA GLU A 12 8.82 -6.70 -23.57
C GLU A 12 9.76 -6.11 -24.62
N GLY A 13 9.50 -4.86 -25.00
CA GLY A 13 10.27 -4.16 -26.02
C GLY A 13 9.35 -3.28 -26.85
N PRO A 14 9.94 -2.36 -27.65
CA PRO A 14 9.13 -1.44 -28.43
C PRO A 14 8.64 -2.04 -29.75
N GLU A 15 7.88 -1.26 -30.52
CA GLU A 15 7.43 -1.71 -31.83
C GLU A 15 8.62 -1.76 -32.78
N GLY A 16 8.56 -2.63 -33.78
CA GLY A 16 9.65 -2.78 -34.72
C GLY A 16 10.86 -3.47 -34.10
N ALA A 17 10.61 -4.19 -33.01
CA ALA A 17 11.64 -5.02 -32.39
C ALA A 17 11.42 -6.48 -32.78
N GLY A 18 10.37 -6.72 -33.54
CA GLY A 18 10.05 -8.06 -34.01
C GLY A 18 9.24 -8.90 -33.03
N LYS A 19 8.80 -8.29 -31.93
CA LYS A 19 8.04 -9.03 -30.91
C LYS A 19 6.96 -9.93 -31.50
N SER A 20 6.23 -9.40 -32.49
CA SER A 20 5.10 -10.11 -33.07
C SER A 20 5.52 -11.25 -33.98
N THR A 21 6.45 -10.95 -34.89
CA THR A 21 7.07 -11.96 -35.73
C THR A 21 7.74 -13.03 -34.87
N ASN A 22 8.36 -12.59 -33.78
CA ASN A 22 8.98 -13.50 -32.83
C ASN A 22 7.93 -14.28 -32.04
N ARG A 23 6.86 -13.60 -31.63
CA ARG A 23 5.83 -14.29 -30.85
C ARG A 23 5.17 -15.41 -31.66
N ASP A 24 4.90 -15.13 -32.93
CA ASP A 24 4.28 -16.13 -33.79
C ASP A 24 5.18 -17.37 -33.90
N TYR A 25 6.48 -17.14 -34.08
CA TYR A 25 7.43 -18.24 -34.17
C TYR A 25 7.39 -19.05 -32.88
N LEU A 26 7.56 -18.37 -31.75
CA LEU A 26 7.55 -19.05 -30.45
C LEU A 26 6.25 -19.80 -30.23
N ALA A 27 5.12 -19.19 -30.60
CA ALA A 27 3.82 -19.80 -30.37
C ALA A 27 3.69 -21.12 -31.13
N GLU A 28 4.22 -21.16 -32.34
CA GLU A 28 4.14 -22.36 -33.17
C GLU A 28 5.06 -23.47 -32.63
N ARG A 29 6.23 -23.09 -32.12
CA ARG A 29 7.14 -24.06 -31.51
C ARG A 29 6.43 -24.76 -30.38
N LEU A 30 5.59 -24.02 -29.67
CA LEU A 30 4.84 -24.57 -28.54
C LEU A 30 3.67 -25.41 -29.04
N ARG A 31 2.92 -24.88 -30.00
CA ARG A 31 1.78 -25.60 -30.57
C ARG A 31 2.14 -26.95 -31.17
N GLU A 32 3.24 -27.00 -31.95
CA GLU A 32 3.64 -28.25 -32.59
C GLU A 32 4.05 -29.30 -31.55
N ARG A 33 4.33 -28.84 -30.34
CA ARG A 33 4.65 -29.74 -29.21
C ARG A 33 3.41 -30.08 -28.37
N GLY A 34 2.23 -29.75 -28.88
CA GLY A 34 0.98 -30.15 -28.25
C GLY A 34 0.56 -29.24 -27.11
N ILE A 35 1.20 -28.08 -26.99
CA ILE A 35 0.96 -27.17 -25.89
C ILE A 35 -0.04 -26.08 -26.30
N GLU A 36 -1.06 -25.86 -25.49
CA GLU A 36 -2.00 -24.77 -25.73
C GLU A 36 -1.33 -23.42 -25.52
N VAL A 37 -1.55 -22.48 -26.46
CA VAL A 37 -1.00 -21.14 -26.36
C VAL A 37 -2.12 -20.09 -26.37
N GLN A 38 -2.03 -19.14 -25.45
CA GLN A 38 -2.95 -18.00 -25.36
C GLN A 38 -2.19 -16.72 -25.65
N LEU A 39 -2.46 -16.11 -26.80
CA LEU A 39 -1.82 -14.84 -27.15
C LEU A 39 -2.66 -13.69 -26.59
N THR A 40 -1.98 -12.69 -26.04
CA THR A 40 -2.70 -11.53 -25.52
C THR A 40 -1.76 -10.33 -25.43
N ARG A 41 -2.27 -9.17 -25.01
CA ARG A 41 -1.44 -7.98 -24.94
C ARG A 41 -1.99 -6.93 -23.97
N GLU A 42 -1.10 -6.04 -23.53
CA GLU A 42 -1.46 -4.99 -22.58
C GLU A 42 -0.94 -3.64 -23.07
N PRO A 43 -1.63 -2.53 -22.70
CA PRO A 43 -2.93 -2.53 -22.02
C PRO A 43 -3.99 -3.03 -23.01
N GLY A 44 -4.98 -3.76 -22.52
CA GLY A 44 -6.02 -4.26 -23.39
C GLY A 44 -6.25 -5.74 -23.17
N GLY A 45 -6.76 -6.43 -24.19
CA GLY A 45 -6.96 -7.88 -24.08
C GLY A 45 -8.37 -8.35 -23.74
N THR A 46 -9.25 -7.43 -23.40
CA THR A 46 -10.68 -7.73 -23.29
C THR A 46 -11.41 -6.46 -23.78
N PRO A 47 -12.71 -6.56 -24.09
CA PRO A 47 -13.32 -5.34 -24.64
C PRO A 47 -13.18 -4.11 -23.72
N LEU A 48 -13.48 -4.27 -22.43
CA LEU A 48 -13.31 -3.15 -21.50
C LEU A 48 -11.85 -2.73 -21.36
N ALA A 49 -10.93 -3.69 -21.27
CA ALA A 49 -9.52 -3.34 -21.19
C ALA A 49 -9.03 -2.62 -22.46
N GLU A 50 -9.62 -2.95 -23.62
CA GLU A 50 -9.29 -2.24 -24.85
C GLU A 50 -9.86 -0.80 -24.86
N ARG A 51 -11.04 -0.60 -24.25
CA ARG A 51 -11.58 0.77 -24.11
C ARG A 51 -10.62 1.59 -23.26
N ILE A 52 -10.07 0.98 -22.23
CA ILE A 52 -9.11 1.65 -21.39
C ILE A 52 -7.84 1.95 -22.17
N ARG A 53 -7.38 0.96 -22.95
CA ARG A 53 -6.20 1.18 -23.78
C ARG A 53 -6.41 2.42 -24.65
N GLU A 54 -7.59 2.53 -25.26
CA GLU A 54 -7.80 3.63 -26.21
C GLU A 54 -7.80 4.99 -25.51
N LEU A 55 -8.28 5.03 -24.27
CA LEU A 55 -8.16 6.26 -23.49
C LEU A 55 -6.70 6.60 -23.22
N LEU A 56 -5.90 5.58 -22.94
CA LEU A 56 -4.49 5.82 -22.61
C LEU A 56 -3.70 6.27 -23.82
N LEU A 57 -4.15 5.87 -25.01
CA LEU A 57 -3.45 6.20 -26.25
C LEU A 57 -3.94 7.48 -26.91
N ALA A 58 -5.12 7.96 -26.51
CA ALA A 58 -5.70 9.10 -27.22
C ALA A 58 -5.02 10.41 -26.86
N PRO A 59 -4.56 11.15 -27.88
CA PRO A 59 -3.99 12.49 -27.66
C PRO A 59 -5.06 13.43 -27.10
N SER A 60 -4.64 14.38 -26.27
CA SER A 60 -5.58 15.37 -25.75
C SER A 60 -4.84 16.64 -25.40
N ASP A 61 -5.55 17.77 -25.38
CA ASP A 61 -4.96 19.04 -24.96
C ASP A 61 -4.77 19.01 -23.46
N GLU A 62 -5.56 18.20 -22.78
CA GLU A 62 -5.41 18.03 -21.34
C GLU A 62 -4.30 17.01 -21.05
N PRO A 63 -3.25 17.43 -20.33
CA PRO A 63 -2.22 16.44 -19.97
C PRO A 63 -2.72 15.38 -18.99
N MET A 64 -2.39 14.12 -19.25
CA MET A 64 -2.74 13.06 -18.33
C MET A 64 -1.70 13.01 -17.20
N ALA A 65 -2.15 13.10 -15.96
CA ALA A 65 -1.24 13.04 -14.83
C ALA A 65 -0.58 11.66 -14.79
N ALA A 66 0.67 11.60 -14.35
CA ALA A 66 1.42 10.34 -14.29
C ALA A 66 0.65 9.30 -13.47
N ASP A 67 0.10 9.73 -12.33
CA ASP A 67 -0.70 8.81 -11.50
C ASP A 67 -1.94 8.30 -12.22
N THR A 68 -2.59 9.18 -12.97
CA THR A 68 -3.74 8.75 -13.75
C THR A 68 -3.36 7.65 -14.72
N GLU A 69 -2.22 7.85 -15.38
CA GLU A 69 -1.74 6.91 -16.38
C GLU A 69 -1.38 5.58 -15.71
N LEU A 70 -0.72 5.67 -14.56
CA LEU A 70 -0.36 4.47 -13.80
C LEU A 70 -1.62 3.70 -13.39
N LEU A 71 -2.62 4.41 -12.87
CA LEU A 71 -3.84 3.76 -12.40
C LEU A 71 -4.66 3.12 -13.52
N LEU A 72 -4.74 3.79 -14.67
CA LEU A 72 -5.44 3.24 -15.83
C LEU A 72 -4.73 1.97 -16.33
N MET A 73 -3.39 2.01 -16.39
CA MET A 73 -2.63 0.81 -16.78
C MET A 73 -2.98 -0.36 -15.88
N PHE A 74 -2.99 -0.13 -14.57
CA PHE A 74 -3.38 -1.20 -13.66
C PHE A 74 -4.87 -1.58 -13.70
N ALA A 75 -5.75 -0.63 -13.99
CA ALA A 75 -7.17 -0.93 -14.13
C ALA A 75 -7.37 -1.93 -15.28
N ALA A 76 -6.72 -1.67 -16.41
CA ALA A 76 -6.79 -2.55 -17.58
C ALA A 76 -6.19 -3.90 -17.23
N ARG A 77 -5.06 -3.86 -16.52
CA ARG A 77 -4.42 -5.08 -16.06
C ARG A 77 -5.34 -5.96 -15.19
N ALA A 78 -6.02 -5.35 -14.23
CA ALA A 78 -6.92 -6.11 -13.35
C ALA A 78 -8.05 -6.80 -14.14
N GLN A 79 -8.57 -6.13 -15.17
CA GLN A 79 -9.65 -6.69 -15.96
C GLN A 79 -9.13 -7.84 -16.83
N HIS A 80 -7.90 -7.68 -17.33
CA HIS A 80 -7.24 -8.61 -18.23
C HIS A 80 -6.84 -9.90 -17.48
N LEU A 81 -6.25 -9.71 -16.32
CA LEU A 81 -5.95 -10.82 -15.41
C LEU A 81 -7.18 -11.68 -15.19
N ALA A 82 -8.28 -11.04 -14.84
CA ALA A 82 -9.49 -11.75 -14.44
C ALA A 82 -10.12 -12.48 -15.62
N GLY A 83 -10.10 -11.83 -16.77
CA GLY A 83 -10.84 -12.32 -17.93
C GLY A 83 -10.05 -13.18 -18.90
N VAL A 84 -8.73 -13.04 -18.94
CA VAL A 84 -7.92 -13.78 -19.91
C VAL A 84 -6.77 -14.54 -19.23
N ILE A 85 -5.93 -13.83 -18.48
CA ILE A 85 -4.72 -14.45 -17.98
C ILE A 85 -4.94 -15.59 -16.99
N ARG A 86 -5.64 -15.33 -15.90
CA ARG A 86 -5.88 -16.38 -14.92
C ARG A 86 -6.64 -17.58 -15.51
N PRO A 87 -7.69 -17.33 -16.28
CA PRO A 87 -8.35 -18.48 -16.92
C PRO A 87 -7.38 -19.33 -17.75
N ALA A 88 -6.53 -18.70 -18.55
CA ALA A 88 -5.67 -19.44 -19.47
C ALA A 88 -4.69 -20.31 -18.68
N LEU A 89 -4.03 -19.72 -17.70
CA LEU A 89 -3.10 -20.46 -16.85
C LEU A 89 -3.80 -21.63 -16.15
N ALA A 90 -5.04 -21.39 -15.74
CA ALA A 90 -5.85 -22.44 -15.12
C ALA A 90 -6.10 -23.62 -16.05
N ARG A 91 -6.28 -23.34 -17.34
CA ARG A 91 -6.43 -24.40 -18.33
C ARG A 91 -5.10 -25.06 -18.62
N GLY A 92 -4.03 -24.52 -18.06
CA GLY A 92 -2.70 -25.06 -18.33
C GLY A 92 -2.13 -24.64 -19.67
N ALA A 93 -2.60 -23.49 -20.17
CA ALA A 93 -2.04 -22.88 -21.36
C ALA A 93 -0.78 -22.07 -21.06
N VAL A 94 0.07 -21.94 -22.07
CA VAL A 94 1.14 -20.96 -22.02
C VAL A 94 0.60 -19.64 -22.53
N VAL A 95 0.63 -18.62 -21.67
CA VAL A 95 0.22 -17.28 -22.07
C VAL A 95 1.42 -16.57 -22.67
N LEU A 96 1.29 -16.10 -23.90
CA LEU A 96 2.34 -15.24 -24.45
C LEU A 96 1.77 -13.84 -24.53
N CYS A 97 2.15 -13.03 -23.56
CA CYS A 97 1.55 -11.72 -23.36
C CYS A 97 2.51 -10.63 -23.79
N ASP A 98 2.10 -9.87 -24.80
CA ASP A 98 2.85 -8.71 -25.24
C ASP A 98 2.67 -7.52 -24.28
N ARG A 99 3.73 -7.26 -23.50
CA ARG A 99 3.79 -6.23 -22.48
C ARG A 99 3.05 -6.60 -21.19
N PHE A 100 3.66 -6.25 -20.06
CA PHE A 100 3.05 -6.46 -18.76
C PHE A 100 3.65 -5.45 -17.75
N THR A 101 3.74 -5.82 -16.49
CA THR A 101 4.16 -4.87 -15.45
C THR A 101 5.61 -4.36 -15.62
N ASP A 102 6.48 -5.11 -16.29
CA ASP A 102 7.80 -4.58 -16.60
C ASP A 102 7.71 -3.29 -17.45
N ALA A 103 6.70 -3.21 -18.32
CA ALA A 103 6.49 -2.02 -19.12
C ALA A 103 6.07 -0.86 -18.22
N THR A 104 5.35 -1.17 -17.16
CA THR A 104 4.97 -0.14 -16.19
C THR A 104 6.21 0.42 -15.49
N TYR A 105 7.06 -0.44 -14.94
CA TYR A 105 8.30 0.05 -14.35
C TYR A 105 9.10 0.85 -15.37
N ALA A 106 9.07 0.40 -16.64
CA ALA A 106 9.86 1.06 -17.67
C ALA A 106 9.24 2.40 -18.06
N TYR A 107 7.96 2.40 -18.44
CA TYR A 107 7.32 3.64 -18.91
C TYR A 107 6.94 4.61 -17.79
N GLN A 108 6.15 4.14 -16.84
CA GLN A 108 5.72 4.99 -15.73
C GLN A 108 6.86 5.24 -14.75
N GLY A 109 7.71 4.25 -14.54
CA GLY A 109 8.84 4.41 -13.63
C GLY A 109 10.00 5.15 -14.28
N GLY A 110 10.64 4.51 -15.24
CA GLY A 110 11.78 5.11 -15.92
C GLY A 110 11.43 6.35 -16.72
N GLY A 111 10.41 6.25 -17.55
CA GLY A 111 10.00 7.38 -18.37
C GLY A 111 9.37 8.55 -17.62
N ARG A 112 8.34 8.27 -16.81
CA ARG A 112 7.55 9.30 -16.15
C ARG A 112 8.17 9.72 -14.83
N GLY A 113 9.08 8.91 -14.31
CA GLY A 113 9.78 9.23 -13.07
C GLY A 113 9.04 8.87 -11.80
N LEU A 114 7.98 8.06 -11.90
CA LEU A 114 7.31 7.57 -10.70
C LEU A 114 8.22 6.60 -9.92
N PRO A 115 8.20 6.69 -8.59
CA PRO A 115 9.10 5.86 -7.77
C PRO A 115 8.75 4.38 -7.87
N GLU A 116 9.77 3.54 -7.97
CA GLU A 116 9.53 2.11 -8.09
C GLU A 116 8.67 1.59 -6.95
N ALA A 117 8.87 2.13 -5.76
CA ALA A 117 8.09 1.70 -4.59
C ALA A 117 6.59 1.85 -4.80
N ARG A 118 6.17 2.93 -5.47
CA ARG A 118 4.75 3.13 -5.73
C ARG A 118 4.20 2.11 -6.72
N ILE A 119 4.95 1.87 -7.80
CA ILE A 119 4.61 0.84 -8.76
C ILE A 119 4.52 -0.53 -8.08
N ALA A 120 5.48 -0.84 -7.21
CA ALA A 120 5.50 -2.15 -6.56
C ALA A 120 4.25 -2.36 -5.69
N ALA A 121 3.78 -1.30 -5.04
CA ALA A 121 2.61 -1.44 -4.17
C ALA A 121 1.36 -1.74 -5.01
N LEU A 122 1.26 -1.13 -6.19
CA LEU A 122 0.15 -1.40 -7.09
C LEU A 122 0.26 -2.81 -7.70
N GLU A 123 1.47 -3.18 -8.09
CA GLU A 123 1.72 -4.51 -8.62
C GLU A 123 1.14 -5.58 -7.67
N SER A 124 1.48 -5.46 -6.39
CA SER A 124 0.97 -6.40 -5.40
C SER A 124 -0.52 -6.28 -5.21
N PHE A 125 -0.99 -5.04 -5.13
CA PHE A 125 -2.42 -4.75 -4.95
C PHE A 125 -3.27 -5.43 -6.02
N VAL A 126 -2.83 -5.33 -7.27
CA VAL A 126 -3.60 -5.88 -8.38
C VAL A 126 -3.34 -7.37 -8.66
N GLN A 127 -2.10 -7.81 -8.52
CA GLN A 127 -1.71 -9.15 -8.98
C GLN A 127 -1.62 -10.21 -7.88
N GLY A 128 -1.62 -9.80 -6.62
CA GLY A 128 -1.37 -10.76 -5.55
C GLY A 128 0.01 -11.35 -5.73
N ASP A 129 0.12 -12.67 -5.70
CA ASP A 129 1.42 -13.33 -5.87
C ASP A 129 1.79 -13.60 -7.34
N LEU A 130 0.89 -13.31 -8.27
CA LEU A 130 1.15 -13.65 -9.67
C LEU A 130 2.22 -12.73 -10.30
N ARG A 131 3.30 -13.32 -10.77
CA ARG A 131 4.28 -12.61 -11.60
C ARG A 131 4.56 -13.50 -12.81
N PRO A 132 5.13 -12.93 -13.89
CA PRO A 132 5.51 -13.76 -15.06
C PRO A 132 6.50 -14.84 -14.63
N ASP A 133 6.43 -16.00 -15.25
CA ASP A 133 7.40 -17.07 -14.99
C ASP A 133 8.66 -16.78 -15.78
N LEU A 134 8.49 -16.11 -16.91
CA LEU A 134 9.59 -15.84 -17.82
C LEU A 134 9.26 -14.59 -18.60
N THR A 135 10.23 -13.70 -18.70
CA THR A 135 10.06 -12.47 -19.43
C THR A 135 11.13 -12.34 -20.48
N LEU A 136 10.71 -12.17 -21.73
CA LEU A 136 11.65 -12.01 -22.83
C LEU A 136 11.77 -10.54 -23.17
N VAL A 137 12.99 -10.03 -23.06
CA VAL A 137 13.23 -8.62 -23.35
C VAL A 137 13.86 -8.46 -24.72
N PHE A 138 13.10 -7.89 -25.65
CA PHE A 138 13.60 -7.61 -26.99
C PHE A 138 14.26 -6.24 -26.99
N ASP A 139 15.59 -6.26 -26.89
CA ASP A 139 16.35 -5.04 -26.67
C ASP A 139 16.73 -4.41 -27.99
N LEU A 140 16.30 -3.16 -28.16
CA LEU A 140 16.56 -2.44 -29.40
C LEU A 140 17.00 -1.01 -29.09
N PRO A 141 18.17 -0.61 -29.62
CA PRO A 141 18.61 0.78 -29.50
C PRO A 141 17.53 1.70 -30.06
N VAL A 142 17.44 2.93 -29.56
CA VAL A 142 16.41 3.84 -30.04
C VAL A 142 16.52 4.07 -31.55
N GLU A 143 15.65 3.40 -32.30
CA GLU A 143 15.65 3.46 -33.76
C GLU A 143 14.30 3.90 -34.31
N ILE A 144 14.28 5.11 -34.86
CA ILE A 144 13.06 5.72 -35.36
C ILE A 144 12.48 4.97 -36.56
N GLY A 145 13.33 4.18 -37.21
CA GLY A 145 12.91 3.37 -38.35
C GLY A 145 11.94 2.27 -37.97
N ALA A 151 6.16 5.26 -40.29
CA ALA A 151 6.40 6.37 -41.22
C ALA A 151 5.76 7.67 -40.74
N ARG A 152 4.53 7.56 -40.21
CA ARG A 152 3.85 8.71 -39.63
C ARG A 152 4.17 8.81 -38.15
N GLY A 153 4.76 7.75 -37.61
CA GLY A 153 4.96 7.64 -36.18
C GLY A 153 3.88 6.81 -35.54
N ARG A 154 3.86 6.78 -34.21
CA ARG A 154 2.92 5.93 -33.47
C ARG A 154 1.46 6.31 -33.70
N LEU A 155 1.21 7.60 -33.91
CA LEU A 155 -0.16 8.12 -34.06
C LEU A 155 -0.95 8.05 -32.75
N ASP A 156 -0.22 8.15 -31.64
CA ASP A 156 -0.85 8.15 -30.32
C ASP A 156 -0.10 9.04 -29.32
N ARG A 157 -0.61 9.09 -28.09
CA ARG A 157 -0.07 9.95 -27.03
C ARG A 157 1.44 9.84 -26.82
N PHE A 158 1.98 8.63 -27.00
CA PHE A 158 3.39 8.41 -26.68
C PHE A 158 4.32 8.92 -27.78
N GLU A 159 3.72 9.32 -28.91
CA GLU A 159 4.48 9.87 -30.02
C GLU A 159 5.23 11.14 -29.61
N GLN A 160 4.63 11.91 -28.70
CA GLN A 160 5.17 13.21 -28.34
C GLN A 160 6.43 13.15 -27.47
N GLU A 161 6.69 12.01 -26.83
CA GLU A 161 7.86 11.88 -25.95
C GLU A 161 9.19 11.89 -26.72
N ASP A 162 10.22 12.43 -26.08
CA ASP A 162 11.52 12.57 -26.73
C ASP A 162 12.41 11.34 -26.55
N ARG A 163 13.59 11.40 -27.16
CA ARG A 163 14.56 10.32 -27.13
C ARG A 163 14.99 9.98 -25.70
N ARG A 164 15.19 11.00 -24.87
CA ARG A 164 15.57 10.77 -23.49
C ARG A 164 14.57 9.87 -22.79
N PHE A 165 13.29 10.16 -22.95
CA PHE A 165 12.22 9.34 -22.36
C PHE A 165 12.39 7.87 -22.77
N PHE A 166 12.63 7.65 -24.06
CA PHE A 166 12.73 6.28 -24.57
C PHE A 166 14.06 5.61 -24.23
N GLU A 167 15.11 6.40 -24.00
CA GLU A 167 16.37 5.84 -23.53
C GLU A 167 16.17 5.30 -22.13
N ALA A 168 15.44 6.04 -21.31
CA ALA A 168 15.16 5.65 -19.93
C ALA A 168 14.34 4.37 -19.89
N VAL A 169 13.31 4.32 -20.73
CA VAL A 169 12.52 3.11 -20.90
C VAL A 169 13.42 1.92 -21.20
N ARG A 170 14.22 2.04 -22.26
CA ARG A 170 15.10 0.94 -22.66
C ARG A 170 15.96 0.45 -21.51
N GLN A 171 16.54 1.41 -20.78
CA GLN A 171 17.51 1.07 -19.72
C GLN A 171 16.84 0.41 -18.52
N THR A 172 15.58 0.75 -18.29
CA THR A 172 14.83 0.19 -17.17
C THR A 172 14.64 -1.31 -17.36
N TYR A 173 14.31 -1.71 -18.59
CA TYR A 173 14.19 -3.12 -18.94
C TYR A 173 15.46 -3.90 -18.62
N LEU A 174 16.61 -3.36 -19.01
CA LEU A 174 17.88 -4.06 -18.83
C LEU A 174 18.26 -4.14 -17.34
N GLN A 175 17.85 -3.13 -16.57
CA GLN A 175 18.16 -3.09 -15.15
C GLN A 175 17.33 -4.12 -14.39
N ARG A 176 16.06 -4.23 -14.75
CA ARG A 176 15.17 -5.20 -14.14
C ARG A 176 15.61 -6.61 -14.49
N ALA A 177 16.04 -6.80 -15.74
CA ALA A 177 16.45 -8.12 -16.19
C ALA A 177 17.70 -8.54 -15.45
N ALA A 178 18.64 -7.62 -15.30
CA ALA A 178 19.90 -7.92 -14.63
C ALA A 178 19.70 -8.19 -13.14
N GLN A 179 18.73 -7.52 -12.53
CA GLN A 179 18.47 -7.66 -11.09
C GLN A 179 17.88 -9.03 -10.74
N ALA A 180 17.27 -9.69 -11.73
CA ALA A 180 16.67 -11.00 -11.51
C ALA A 180 16.85 -11.90 -12.73
N PRO A 181 18.10 -12.30 -13.01
CA PRO A 181 18.40 -13.06 -14.23
C PRO A 181 17.60 -14.34 -14.38
N GLU A 182 17.16 -14.95 -13.27
CA GLU A 182 16.42 -16.20 -13.34
C GLU A 182 15.09 -16.07 -14.10
N ARG A 183 14.51 -14.87 -14.12
CA ARG A 183 13.17 -14.70 -14.64
C ARG A 183 13.13 -14.02 -16.01
N TYR A 184 14.28 -13.52 -16.46
CA TYR A 184 14.33 -12.75 -17.71
C TYR A 184 15.25 -13.38 -18.73
N GLN A 185 14.96 -13.18 -20.00
CA GLN A 185 15.92 -13.48 -21.06
C GLN A 185 16.03 -12.26 -21.96
N VAL A 186 17.23 -11.70 -22.06
CA VAL A 186 17.44 -10.54 -22.93
C VAL A 186 17.86 -10.95 -24.32
N LEU A 187 17.05 -10.60 -25.30
CA LEU A 187 17.36 -10.87 -26.70
C LEU A 187 17.82 -9.60 -27.39
N ASP A 188 18.79 -9.74 -28.30
CA ASP A 188 19.27 -8.64 -29.12
C ASP A 188 18.37 -8.51 -30.34
N ALA A 189 17.40 -7.61 -30.28
CA ALA A 189 16.40 -7.49 -31.34
C ALA A 189 16.95 -6.77 -32.56
N GLY A 190 18.21 -6.33 -32.47
CA GLY A 190 18.86 -5.67 -33.57
C GLY A 190 19.43 -6.64 -34.58
N LEU A 191 19.53 -7.91 -34.18
CA LEU A 191 20.12 -8.95 -35.03
C LEU A 191 19.26 -9.29 -36.24
N PRO A 192 19.87 -9.90 -37.26
CA PRO A 192 19.08 -10.44 -38.39
C PRO A 192 18.07 -11.43 -37.86
N LEU A 193 16.91 -11.52 -38.51
CA LEU A 193 15.80 -12.30 -37.98
C LEU A 193 16.17 -13.75 -37.74
N ALA A 194 17.04 -14.29 -38.58
CA ALA A 194 17.55 -15.64 -38.39
C ALA A 194 18.24 -15.80 -37.03
N GLU A 195 18.94 -14.76 -36.60
CA GLU A 195 19.70 -14.85 -35.36
C GLU A 195 18.81 -14.66 -34.13
N VAL A 196 17.80 -13.80 -34.25
CA VAL A 196 16.78 -13.70 -33.23
C VAL A 196 16.01 -15.02 -33.06
N GLN A 197 15.68 -15.67 -34.19
CA GLN A 197 15.02 -16.98 -34.15
C GLN A 197 15.91 -18.00 -33.47
N ALA A 198 17.22 -17.90 -33.69
CA ALA A 198 18.16 -18.81 -33.06
C ALA A 198 18.14 -18.57 -31.55
N GLY A 199 17.97 -17.30 -31.17
CA GLY A 199 17.85 -16.92 -29.77
C GLY A 199 16.62 -17.57 -29.14
N LEU A 200 15.53 -17.56 -29.88
CA LEU A 200 14.30 -18.23 -29.47
C LEU A 200 14.52 -19.74 -29.39
N ASP A 201 15.16 -20.30 -30.42
CA ASP A 201 15.46 -21.72 -30.43
C ASP A 201 16.29 -22.10 -29.19
N ARG A 202 17.30 -21.28 -28.88
CA ARG A 202 18.20 -21.55 -27.76
C ARG A 202 17.50 -21.53 -26.40
N LEU A 203 16.54 -20.64 -26.21
CA LEU A 203 15.88 -20.52 -24.90
C LEU A 203 14.69 -21.47 -24.76
N LEU A 204 14.27 -22.08 -25.88
CA LEU A 204 13.10 -22.96 -25.88
C LEU A 204 13.17 -24.14 -24.89
N PRO A 205 14.33 -24.83 -24.83
CA PRO A 205 14.42 -25.99 -23.94
C PRO A 205 14.23 -25.60 -22.48
N ASN A 206 14.82 -24.48 -22.07
CA ASN A 206 14.63 -24.01 -20.70
C ASN A 206 13.17 -23.64 -20.45
N LEU A 207 12.52 -23.05 -21.46
CA LEU A 207 11.11 -22.69 -21.31
C LEU A 207 10.30 -23.95 -21.08
N LEU A 208 10.57 -24.98 -21.87
CA LEU A 208 9.85 -26.25 -21.73
C LEU A 208 10.03 -26.85 -20.32
N GLU A 209 11.24 -26.80 -19.81
CA GLU A 209 11.52 -27.35 -18.48
C GLU A 209 10.77 -26.58 -17.39
N ARG A 210 10.45 -25.31 -17.65
CA ARG A 210 9.73 -24.50 -16.70
C ARG A 210 8.25 -24.89 -16.62
N LEU A 211 7.79 -25.58 -17.67
CA LEU A 211 6.38 -25.90 -17.82
C LEU A 211 6.01 -27.21 -17.12
N ASN A 212 6.96 -28.15 -17.07
CA ASN A 212 6.71 -29.45 -16.48
C ASN A 212 7.64 -29.74 -15.31
N THR B 5 21.05 -20.94 -7.43
CA THR B 5 20.80 -20.51 -6.06
C THR B 5 20.09 -21.59 -5.23
N GLY B 6 19.87 -21.29 -3.95
CA GLY B 6 19.29 -22.25 -3.04
C GLY B 6 17.79 -22.38 -3.17
N LEU B 7 17.18 -22.92 -2.13
CA LEU B 7 15.74 -23.11 -2.10
C LEU B 7 15.21 -22.66 -0.74
N PHE B 8 14.03 -22.06 -0.76
CA PHE B 8 13.37 -21.52 0.43
C PHE B 8 12.19 -22.42 0.79
N VAL B 9 12.35 -23.23 1.83
CA VAL B 9 11.26 -24.08 2.30
C VAL B 9 10.77 -23.59 3.65
N THR B 10 9.46 -23.49 3.85
CA THR B 10 8.95 -23.18 5.18
C THR B 10 8.07 -24.30 5.70
N LEU B 11 8.01 -24.44 7.02
CA LEU B 11 7.17 -25.44 7.65
C LEU B 11 6.18 -24.70 8.54
N GLU B 12 4.91 -25.08 8.44
CA GLU B 12 3.85 -24.41 9.15
C GLU B 12 3.01 -25.47 9.87
N GLY B 13 2.46 -25.10 11.02
CA GLY B 13 1.60 -25.99 11.78
C GLY B 13 1.89 -25.87 13.26
N PRO B 14 1.04 -26.47 14.11
CA PRO B 14 1.12 -26.35 15.58
C PRO B 14 2.23 -27.21 16.17
N GLU B 15 2.53 -27.02 17.45
CA GLU B 15 3.43 -27.95 18.13
C GLU B 15 2.65 -29.20 18.54
N GLY B 16 3.33 -30.35 18.52
CA GLY B 16 2.65 -31.62 18.71
C GLY B 16 2.29 -32.24 17.37
N ALA B 17 2.79 -31.62 16.30
CA ALA B 17 2.55 -32.09 14.95
C ALA B 17 3.82 -32.64 14.30
N GLY B 18 4.91 -32.69 15.06
CA GLY B 18 6.16 -33.26 14.58
C GLY B 18 6.94 -32.41 13.59
N LYS B 19 6.64 -31.12 13.52
CA LYS B 19 7.38 -30.20 12.67
C LYS B 19 8.88 -30.33 12.88
N SER B 20 9.27 -30.42 14.16
CA SER B 20 10.68 -30.38 14.53
C SER B 20 11.46 -31.64 14.12
N THR B 21 10.91 -32.81 14.43
CA THR B 21 11.58 -34.06 14.05
C THR B 21 11.55 -34.23 12.53
N ASN B 22 10.47 -33.77 11.90
CA ASN B 22 10.38 -33.87 10.44
C ASN B 22 11.31 -32.89 9.73
N ARG B 23 11.54 -31.73 10.35
CA ARG B 23 12.54 -30.81 9.82
C ARG B 23 13.92 -31.46 9.92
N ASP B 24 14.23 -31.99 11.11
CA ASP B 24 15.48 -32.73 11.29
C ASP B 24 15.63 -33.86 10.27
N TYR B 25 14.54 -34.57 10.00
CA TYR B 25 14.56 -35.65 9.02
C TYR B 25 14.93 -35.15 7.62
N LEU B 26 14.26 -34.08 7.20
CA LEU B 26 14.50 -33.48 5.90
C LEU B 26 15.95 -32.99 5.82
N ALA B 27 16.39 -32.31 6.86
CA ALA B 27 17.76 -31.82 6.93
C ALA B 27 18.78 -32.94 6.71
N GLU B 28 18.54 -34.07 7.37
CA GLU B 28 19.47 -35.19 7.30
C GLU B 28 19.51 -35.76 5.86
N ARG B 29 18.35 -35.91 5.24
CA ARG B 29 18.31 -36.48 3.89
C ARG B 29 19.01 -35.57 2.89
N LEU B 30 18.89 -34.26 3.07
CA LEU B 30 19.55 -33.30 2.20
C LEU B 30 21.05 -33.27 2.44
N ARG B 31 21.45 -33.19 3.70
CA ARG B 31 22.87 -33.14 4.05
C ARG B 31 23.62 -34.37 3.54
N GLU B 32 23.02 -35.56 3.62
CA GLU B 32 23.73 -36.76 3.18
C GLU B 32 23.85 -36.83 1.64
N ARG B 33 23.21 -35.89 0.96
CA ARG B 33 23.29 -35.81 -0.48
C ARG B 33 24.13 -34.61 -0.95
N GLY B 34 24.92 -34.07 -0.03
CA GLY B 34 25.86 -33.01 -0.33
C GLY B 34 25.30 -31.61 -0.22
N ILE B 35 24.06 -31.48 0.22
CA ILE B 35 23.37 -30.19 0.21
C ILE B 35 23.47 -29.43 1.54
N GLU B 36 23.91 -28.17 1.47
CA GLU B 36 23.97 -27.32 2.66
C GLU B 36 22.56 -26.96 3.13
N VAL B 37 22.31 -27.20 4.41
CA VAL B 37 21.02 -26.82 4.99
C VAL B 37 21.18 -25.76 6.06
N GLN B 38 20.34 -24.73 5.97
CA GLN B 38 20.27 -23.66 6.96
C GLN B 38 18.95 -23.82 7.71
N LEU B 39 19.03 -24.21 8.99
CA LEU B 39 17.84 -24.27 9.82
C LEU B 39 17.56 -22.89 10.41
N THR B 40 16.29 -22.50 10.44
CA THR B 40 15.93 -21.25 11.08
C THR B 40 14.46 -21.23 11.48
N ARG B 41 14.04 -20.17 12.16
CA ARG B 41 12.65 -20.10 12.61
C ARG B 41 12.17 -18.66 12.79
N GLU B 42 10.86 -18.49 12.80
CA GLU B 42 10.25 -17.19 13.01
C GLU B 42 9.08 -17.28 13.99
N PRO B 43 8.82 -16.19 14.73
CA PRO B 43 9.68 -14.99 14.70
C PRO B 43 11.02 -15.27 15.38
N GLY B 44 12.11 -14.71 14.86
CA GLY B 44 13.43 -14.93 15.41
C GLY B 44 14.47 -15.15 14.32
N GLY B 45 15.55 -15.85 14.64
CA GLY B 45 16.51 -16.23 13.62
C GLY B 45 17.77 -15.39 13.59
N THR B 46 17.74 -14.27 14.30
CA THR B 46 18.89 -13.38 14.48
C THR B 46 18.79 -12.81 15.89
N PRO B 47 19.91 -12.32 16.45
CA PRO B 47 19.81 -11.83 17.83
C PRO B 47 18.70 -10.77 17.98
N LEU B 48 18.68 -9.76 17.13
CA LEU B 48 17.64 -8.74 17.21
C LEU B 48 16.24 -9.36 16.99
N ALA B 49 16.14 -10.27 16.04
CA ALA B 49 14.84 -10.88 15.76
C ALA B 49 14.34 -11.70 16.95
N GLU B 50 15.27 -12.31 17.67
CA GLU B 50 14.91 -13.09 18.85
C GLU B 50 14.43 -12.20 20.01
N ARG B 51 15.01 -11.01 20.13
CA ARG B 51 14.52 -10.04 21.11
C ARG B 51 13.10 -9.59 20.77
N ILE B 52 12.81 -9.43 19.47
CA ILE B 52 11.45 -9.10 19.05
C ILE B 52 10.50 -10.24 19.39
N ARG B 53 10.94 -11.46 19.13
CA ARG B 53 10.16 -12.65 19.48
C ARG B 53 9.76 -12.63 20.95
N GLU B 54 10.71 -12.31 21.83
CA GLU B 54 10.43 -12.29 23.26
C GLU B 54 9.29 -11.33 23.56
N LEU B 55 9.31 -10.14 22.94
CA LEU B 55 8.23 -9.17 23.11
C LEU B 55 6.89 -9.73 22.65
N LEU B 56 6.91 -10.45 21.54
CA LEU B 56 5.69 -10.97 20.96
C LEU B 56 5.07 -12.05 21.83
N LEU B 57 5.92 -12.84 22.50
CA LEU B 57 5.46 -14.04 23.20
C LEU B 57 5.18 -13.86 24.69
N ALA B 58 5.84 -12.88 25.32
CA ALA B 58 5.65 -12.65 26.75
C ALA B 58 4.34 -11.94 27.06
N PRO B 59 3.55 -12.50 27.97
CA PRO B 59 2.29 -11.82 28.31
C PRO B 59 2.58 -10.59 29.17
N SER B 60 1.65 -9.64 29.21
CA SER B 60 1.78 -8.49 30.08
C SER B 60 0.41 -7.93 30.46
N ASP B 61 0.38 -7.04 31.44
CA ASP B 61 -0.86 -6.40 31.88
C ASP B 61 -1.43 -5.46 30.82
N GLU B 62 -0.67 -5.24 29.76
CA GLU B 62 -1.07 -4.32 28.70
C GLU B 62 -1.49 -5.15 27.47
N PRO B 63 -2.69 -4.87 26.94
CA PRO B 63 -3.10 -5.56 25.70
C PRO B 63 -2.25 -5.08 24.52
N MET B 64 -1.63 -6.01 23.82
CA MET B 64 -0.90 -5.66 22.63
C MET B 64 -1.91 -5.47 21.50
N ALA B 65 -1.92 -4.31 20.87
CA ALA B 65 -2.86 -4.10 19.75
C ALA B 65 -2.52 -5.06 18.62
N ALA B 66 -3.54 -5.53 17.92
CA ALA B 66 -3.31 -6.43 16.77
C ALA B 66 -2.35 -5.82 15.75
N ASP B 67 -2.49 -4.53 15.49
CA ASP B 67 -1.62 -3.86 14.53
C ASP B 67 -0.17 -3.91 15.00
N THR B 68 0.03 -3.77 16.31
CA THR B 68 1.35 -3.80 16.88
C THR B 68 1.97 -5.18 16.68
N GLU B 69 1.16 -6.20 16.95
CA GLU B 69 1.59 -7.59 16.82
C GLU B 69 2.00 -7.86 15.38
N LEU B 70 1.19 -7.39 14.44
CA LEU B 70 1.44 -7.60 13.02
C LEU B 70 2.77 -6.95 12.58
N LEU B 71 2.95 -5.69 12.98
CA LEU B 71 4.14 -4.93 12.60
C LEU B 71 5.40 -5.53 13.21
N LEU B 72 5.29 -6.02 14.45
CA LEU B 72 6.43 -6.66 15.11
C LEU B 72 6.79 -7.96 14.39
N MET B 73 5.78 -8.71 13.94
CA MET B 73 6.07 -9.97 13.24
C MET B 73 6.86 -9.69 11.97
N PHE B 74 6.45 -8.66 11.25
CA PHE B 74 7.11 -8.29 10.02
C PHE B 74 8.45 -7.58 10.23
N ALA B 75 8.60 -6.86 11.34
CA ALA B 75 9.87 -6.27 11.68
C ALA B 75 10.90 -7.38 11.91
N ALA B 76 10.50 -8.42 12.63
CA ALA B 76 11.40 -9.54 12.87
C ALA B 76 11.67 -10.26 11.55
N ARG B 77 10.64 -10.36 10.72
CA ARG B 77 10.79 -10.98 9.40
C ARG B 77 11.78 -10.21 8.53
N ALA B 78 11.68 -8.88 8.53
CA ALA B 78 12.58 -8.07 7.71
C ALA B 78 14.05 -8.28 8.08
N GLN B 79 14.29 -8.34 9.39
CA GLN B 79 15.66 -8.48 9.90
C GLN B 79 16.21 -9.87 9.59
N HIS B 80 15.36 -10.87 9.79
CA HIS B 80 15.67 -12.27 9.51
C HIS B 80 15.96 -12.51 8.03
N LEU B 81 15.13 -11.93 7.19
CA LEU B 81 15.30 -12.00 5.74
C LEU B 81 16.67 -11.51 5.30
N ALA B 82 17.08 -10.37 5.84
CA ALA B 82 18.34 -9.74 5.44
C ALA B 82 19.56 -10.44 6.01
N GLY B 83 19.43 -10.91 7.25
CA GLY B 83 20.56 -11.45 7.98
C GLY B 83 20.84 -12.92 7.74
N VAL B 84 19.82 -13.67 7.34
CA VAL B 84 19.91 -15.13 7.28
C VAL B 84 19.34 -15.73 5.99
N ILE B 85 18.04 -15.52 5.77
CA ILE B 85 17.37 -16.15 4.64
C ILE B 85 18.01 -15.82 3.30
N ARG B 86 18.13 -14.53 2.96
CA ARG B 86 18.68 -14.15 1.65
C ARG B 86 20.17 -14.55 1.48
N PRO B 87 20.97 -14.42 2.54
CA PRO B 87 22.37 -14.88 2.40
C PRO B 87 22.47 -16.38 2.15
N ALA B 88 21.62 -17.17 2.80
CA ALA B 88 21.67 -18.62 2.65
C ALA B 88 21.28 -19.00 1.23
N LEU B 89 20.24 -18.35 0.72
CA LEU B 89 19.82 -18.57 -0.67
C LEU B 89 20.94 -18.17 -1.63
N ALA B 90 21.60 -17.06 -1.34
CA ALA B 90 22.72 -16.59 -2.15
C ALA B 90 23.87 -17.60 -2.17
N ARG B 91 24.09 -18.27 -1.04
CA ARG B 91 25.07 -19.35 -0.93
C ARG B 91 24.62 -20.61 -1.66
N GLY B 92 23.34 -20.67 -1.97
CA GLY B 92 22.77 -21.86 -2.58
C GLY B 92 22.39 -22.93 -1.57
N ALA B 93 22.17 -22.50 -0.33
CA ALA B 93 21.70 -23.42 0.71
C ALA B 93 20.20 -23.67 0.58
N VAL B 94 19.75 -24.78 1.15
CA VAL B 94 18.32 -24.96 1.36
C VAL B 94 17.95 -24.46 2.76
N VAL B 95 17.02 -23.51 2.80
CA VAL B 95 16.53 -22.99 4.07
C VAL B 95 15.33 -23.80 4.55
N LEU B 96 15.42 -24.34 5.75
CA LEU B 96 14.27 -24.98 6.36
C LEU B 96 13.77 -24.07 7.48
N CYS B 97 12.80 -23.22 7.14
CA CYS B 97 12.32 -22.22 8.07
C CYS B 97 11.06 -22.67 8.77
N ASP B 98 11.12 -22.77 10.10
CA ASP B 98 9.94 -23.11 10.90
C ASP B 98 9.06 -21.86 11.06
N ARG B 99 7.94 -21.85 10.36
CA ARG B 99 6.99 -20.70 10.33
C ARG B 99 7.45 -19.50 9.51
N PHE B 100 6.55 -18.97 8.68
CA PHE B 100 6.82 -17.76 7.91
C PHE B 100 5.53 -16.93 7.75
N THR B 101 5.37 -16.27 6.61
CA THR B 101 4.23 -15.37 6.40
C THR B 101 2.87 -16.09 6.38
N ASP B 102 2.85 -17.39 6.06
CA ASP B 102 1.59 -18.14 6.20
C ASP B 102 1.07 -18.13 7.63
N ALA B 103 1.99 -18.20 8.59
CA ALA B 103 1.60 -18.11 9.97
C ALA B 103 0.96 -16.75 10.28
N THR B 104 1.46 -15.71 9.63
CA THR B 104 0.88 -14.38 9.82
C THR B 104 -0.55 -14.36 9.29
N TYR B 105 -0.77 -14.88 8.09
CA TYR B 105 -2.13 -14.99 7.58
C TYR B 105 -3.01 -15.79 8.53
N ALA B 106 -2.47 -16.90 9.04
CA ALA B 106 -3.24 -17.76 9.93
C ALA B 106 -3.49 -17.13 11.31
N TYR B 107 -2.44 -16.70 12.00
CA TYR B 107 -2.60 -16.13 13.35
C TYR B 107 -3.14 -14.70 13.40
N GLN B 108 -2.50 -13.79 12.67
CA GLN B 108 -2.92 -12.40 12.63
C GLN B 108 -4.17 -12.21 11.77
N GLY B 109 -4.34 -13.05 10.75
CA GLY B 109 -5.52 -12.95 9.90
C GLY B 109 -6.70 -13.77 10.40
N GLY B 110 -6.56 -15.09 10.38
CA GLY B 110 -7.64 -15.94 10.83
C GLY B 110 -7.92 -15.73 12.30
N GLY B 111 -6.86 -15.84 13.12
CA GLY B 111 -6.98 -15.72 14.55
C GLY B 111 -7.43 -14.34 15.04
N ARG B 112 -6.64 -13.32 14.76
CA ARG B 112 -6.91 -11.95 15.24
C ARG B 112 -8.00 -11.24 14.47
N GLY B 113 -8.25 -11.68 13.24
CA GLY B 113 -9.26 -11.05 12.42
C GLY B 113 -8.77 -9.85 11.60
N LEU B 114 -7.47 -9.63 11.53
CA LEU B 114 -6.96 -8.57 10.66
C LEU B 114 -7.25 -8.92 9.20
N PRO B 115 -7.72 -7.94 8.42
CA PRO B 115 -8.08 -8.19 7.01
C PRO B 115 -6.90 -8.75 6.24
N GLU B 116 -7.17 -9.73 5.37
CA GLU B 116 -6.12 -10.36 4.58
C GLU B 116 -5.36 -9.33 3.75
N ALA B 117 -6.08 -8.32 3.26
CA ALA B 117 -5.46 -7.30 2.42
C ALA B 117 -4.38 -6.52 3.18
N ARG B 118 -4.57 -6.30 4.47
CA ARG B 118 -3.55 -5.60 5.23
C ARG B 118 -2.27 -6.44 5.36
N ILE B 119 -2.44 -7.74 5.58
CA ILE B 119 -1.29 -8.64 5.68
C ILE B 119 -0.57 -8.73 4.32
N ALA B 120 -1.34 -8.87 3.26
CA ALA B 120 -0.78 -8.95 1.91
C ALA B 120 0.09 -7.73 1.57
N ALA B 121 -0.35 -6.54 1.98
CA ALA B 121 0.39 -5.32 1.68
C ALA B 121 1.74 -5.31 2.37
N LEU B 122 1.78 -5.74 3.63
CA LEU B 122 3.05 -5.86 4.36
C LEU B 122 3.96 -6.95 3.76
N GLU B 123 3.36 -8.05 3.34
CA GLU B 123 4.12 -9.13 2.73
C GLU B 123 4.97 -8.62 1.57
N SER B 124 4.34 -7.93 0.62
CA SER B 124 5.04 -7.35 -0.52
C SER B 124 5.98 -6.23 -0.10
N PHE B 125 5.50 -5.38 0.81
CA PHE B 125 6.30 -4.31 1.39
C PHE B 125 7.64 -4.88 1.90
N VAL B 126 7.56 -5.89 2.75
CA VAL B 126 8.76 -6.49 3.32
C VAL B 126 9.57 -7.43 2.40
N GLN B 127 8.87 -8.23 1.59
CA GLN B 127 9.55 -9.33 0.90
C GLN B 127 9.83 -9.06 -0.57
N GLY B 128 9.24 -8.00 -1.11
CA GLY B 128 9.28 -7.79 -2.54
C GLY B 128 8.65 -9.02 -3.19
N ASP B 129 9.36 -9.61 -4.15
CA ASP B 129 8.83 -10.76 -4.89
C ASP B 129 9.17 -12.10 -4.23
N LEU B 130 9.91 -12.08 -3.13
CA LEU B 130 10.33 -13.34 -2.52
C LEU B 130 9.18 -14.06 -1.82
N ARG B 131 8.93 -15.31 -2.23
CA ARG B 131 7.99 -16.19 -1.53
C ARG B 131 8.68 -17.53 -1.33
N PRO B 132 8.19 -18.32 -0.36
CA PRO B 132 8.78 -19.66 -0.22
C PRO B 132 8.68 -20.41 -1.54
N ASP B 133 9.66 -21.25 -1.83
CA ASP B 133 9.59 -22.15 -2.98
C ASP B 133 8.64 -23.29 -2.68
N LEU B 134 8.60 -23.70 -1.42
CA LEU B 134 7.81 -24.85 -1.01
C LEU B 134 7.37 -24.61 0.42
N THR B 135 6.10 -24.87 0.71
CA THR B 135 5.62 -24.71 2.07
C THR B 135 4.93 -25.97 2.54
N LEU B 136 5.45 -26.56 3.61
CA LEU B 136 4.88 -27.78 4.13
C LEU B 136 3.96 -27.44 5.29
N VAL B 137 2.67 -27.68 5.06
CA VAL B 137 1.66 -27.50 6.09
C VAL B 137 1.44 -28.82 6.81
N PHE B 138 1.78 -28.84 8.10
CA PHE B 138 1.51 -30.01 8.91
C PHE B 138 0.13 -29.87 9.52
N ASP B 139 -0.86 -30.50 8.90
CA ASP B 139 -2.24 -30.31 9.33
C ASP B 139 -2.55 -31.19 10.51
N LEU B 140 -3.13 -30.59 11.54
CA LEU B 140 -3.42 -31.34 12.75
C LEU B 140 -4.69 -30.82 13.41
N PRO B 141 -5.64 -31.72 13.66
CA PRO B 141 -6.86 -31.35 14.36
C PRO B 141 -6.54 -30.54 15.61
N VAL B 142 -7.26 -29.44 15.82
CA VAL B 142 -7.03 -28.58 16.97
C VAL B 142 -7.04 -29.36 18.30
N GLU B 143 -7.89 -30.37 18.39
CA GLU B 143 -7.96 -31.25 19.56
C GLU B 143 -7.80 -30.50 20.89
N ASP B 156 2.25 -18.78 26.59
CA ASP B 156 2.57 -17.48 26.00
C ASP B 156 1.32 -16.77 25.46
N ARG B 157 1.53 -15.59 24.90
CA ARG B 157 0.42 -14.73 24.45
C ARG B 157 -0.55 -15.43 23.51
N PHE B 158 -0.06 -16.41 22.76
CA PHE B 158 -0.90 -17.07 21.78
C PHE B 158 -1.52 -18.36 22.33
N GLU B 159 -0.71 -19.13 23.05
CA GLU B 159 -1.18 -20.35 23.69
C GLU B 159 -2.34 -20.03 24.63
N GLN B 160 -2.44 -18.77 25.05
CA GLN B 160 -3.54 -18.35 25.91
C GLN B 160 -4.90 -18.34 25.19
N GLU B 161 -4.89 -18.25 23.86
CA GLU B 161 -6.14 -18.19 23.09
C GLU B 161 -6.96 -19.50 23.18
N ASP B 162 -8.26 -19.40 22.93
CA ASP B 162 -9.15 -20.56 23.01
C ASP B 162 -9.32 -21.30 21.68
N ARG B 163 -10.26 -22.25 21.63
CA ARG B 163 -10.40 -23.15 20.46
C ARG B 163 -10.73 -22.43 19.15
N ARG B 164 -11.76 -21.58 19.19
CA ARG B 164 -12.15 -20.81 18.01
C ARG B 164 -10.92 -20.23 17.31
N PHE B 165 -10.08 -19.58 18.10
CA PHE B 165 -8.86 -18.96 17.60
C PHE B 165 -8.02 -19.97 16.82
N PHE B 166 -7.75 -21.11 17.44
CA PHE B 166 -6.92 -22.13 16.81
C PHE B 166 -7.63 -22.89 15.67
N GLU B 167 -8.95 -22.98 15.71
CA GLU B 167 -9.66 -23.54 14.56
C GLU B 167 -9.50 -22.61 13.34
N ALA B 168 -9.66 -21.31 13.56
CA ALA B 168 -9.42 -20.33 12.50
C ALA B 168 -8.00 -20.42 11.96
N VAL B 169 -7.04 -20.58 12.86
CA VAL B 169 -5.66 -20.76 12.42
C VAL B 169 -5.55 -21.99 11.50
N ARG B 170 -6.04 -23.13 11.96
CA ARG B 170 -5.92 -24.35 11.17
C ARG B 170 -6.53 -24.18 9.78
N GLN B 171 -7.78 -23.74 9.74
CA GLN B 171 -8.50 -23.59 8.46
C GLN B 171 -7.82 -22.60 7.51
N THR B 172 -7.18 -21.57 8.07
CA THR B 172 -6.50 -20.58 7.22
C THR B 172 -5.37 -21.21 6.43
N TYR B 173 -4.54 -22.01 7.12
CA TYR B 173 -3.48 -22.76 6.45
C TYR B 173 -4.03 -23.57 5.29
N LEU B 174 -5.14 -24.27 5.52
CA LEU B 174 -5.70 -25.14 4.49
C LEU B 174 -6.23 -24.34 3.31
N GLN B 175 -6.86 -23.20 3.60
CA GLN B 175 -7.41 -22.36 2.54
C GLN B 175 -6.27 -21.84 1.67
N ARG B 176 -5.22 -21.37 2.32
CA ARG B 176 -4.04 -20.85 1.63
C ARG B 176 -3.41 -21.91 0.73
N ALA B 177 -3.24 -23.13 1.26
CA ALA B 177 -2.62 -24.23 0.54
C ALA B 177 -3.42 -24.60 -0.70
N ALA B 178 -4.74 -24.55 -0.58
CA ALA B 178 -5.63 -24.88 -1.68
C ALA B 178 -5.55 -23.83 -2.79
N GLN B 179 -5.40 -22.57 -2.41
CA GLN B 179 -5.28 -21.47 -3.36
C GLN B 179 -4.07 -21.64 -4.30
N ALA B 180 -3.04 -22.36 -3.84
CA ALA B 180 -1.79 -22.43 -4.59
C ALA B 180 -1.07 -23.77 -4.42
N PRO B 181 -1.70 -24.85 -4.90
CA PRO B 181 -1.22 -26.22 -4.68
C PRO B 181 0.20 -26.44 -5.19
N GLU B 182 0.69 -25.56 -6.05
CA GLU B 182 2.03 -25.70 -6.61
C GLU B 182 3.11 -25.37 -5.58
N ARG B 183 2.79 -24.46 -4.65
CA ARG B 183 3.78 -24.00 -3.68
C ARG B 183 3.62 -24.70 -2.34
N TYR B 184 2.51 -25.41 -2.17
CA TYR B 184 2.19 -26.04 -0.89
C TYR B 184 2.10 -27.55 -1.02
N GLN B 185 2.47 -28.23 0.05
CA GLN B 185 2.18 -29.63 0.21
C GLN B 185 1.60 -29.79 1.60
N VAL B 186 0.37 -30.31 1.67
CA VAL B 186 -0.29 -30.52 2.94
C VAL B 186 -0.05 -31.94 3.45
N LEU B 187 0.58 -32.04 4.62
CA LEU B 187 0.82 -33.33 5.26
C LEU B 187 -0.15 -33.55 6.40
N ASP B 188 -0.69 -34.76 6.50
CA ASP B 188 -1.57 -35.10 7.60
C ASP B 188 -0.71 -35.53 8.78
N ALA B 189 -0.58 -34.63 9.76
CA ALA B 189 0.33 -34.83 10.89
C ALA B 189 -0.28 -35.79 11.91
N GLY B 190 -1.52 -36.18 11.68
CA GLY B 190 -2.22 -37.09 12.58
C GLY B 190 -1.92 -38.54 12.24
N LEU B 191 -0.98 -38.75 11.33
CA LEU B 191 -0.57 -40.08 10.95
C LEU B 191 0.68 -40.50 11.74
N PRO B 192 0.98 -41.80 11.76
CA PRO B 192 2.20 -42.29 12.41
C PRO B 192 3.40 -41.76 11.66
N LEU B 193 4.43 -41.34 12.39
CA LEU B 193 5.62 -40.75 11.77
C LEU B 193 6.07 -41.48 10.50
N ALA B 194 6.00 -42.80 10.53
CA ALA B 194 6.42 -43.62 9.40
C ALA B 194 5.75 -43.19 8.10
N GLU B 195 4.44 -42.97 8.15
CA GLU B 195 3.70 -42.52 6.98
C GLU B 195 4.03 -41.07 6.64
N VAL B 196 4.12 -40.24 7.68
CA VAL B 196 4.51 -38.85 7.52
C VAL B 196 5.88 -38.73 6.87
N GLN B 197 6.82 -39.53 7.36
CA GLN B 197 8.18 -39.52 6.83
C GLN B 197 8.22 -40.09 5.41
N ALA B 198 7.41 -41.11 5.15
CA ALA B 198 7.22 -41.61 3.81
C ALA B 198 6.74 -40.45 2.94
N GLY B 199 5.87 -39.62 3.50
CA GLY B 199 5.37 -38.46 2.80
C GLY B 199 6.47 -37.48 2.47
N LEU B 200 7.40 -37.32 3.41
CA LEU B 200 8.54 -36.43 3.21
C LEU B 200 9.52 -37.01 2.17
N ASP B 201 9.69 -38.32 2.17
CA ASP B 201 10.48 -38.98 1.14
C ASP B 201 9.95 -38.65 -0.25
N ARG B 202 8.63 -38.63 -0.38
CA ARG B 202 8.00 -38.39 -1.68
C ARG B 202 8.23 -36.97 -2.17
N LEU B 203 8.65 -36.09 -1.27
CA LEU B 203 8.90 -34.70 -1.59
C LEU B 203 10.33 -34.47 -2.11
N LEU B 204 11.25 -35.34 -1.68
CA LEU B 204 12.67 -35.17 -1.99
C LEU B 204 13.02 -34.98 -3.48
N PRO B 205 12.45 -35.81 -4.37
CA PRO B 205 12.82 -35.69 -5.78
C PRO B 205 12.49 -34.29 -6.30
N ASN B 206 11.28 -33.85 -6.04
CA ASN B 206 10.89 -32.48 -6.32
C ASN B 206 11.92 -31.48 -5.79
N LEU B 207 12.26 -31.59 -4.50
CA LEU B 207 13.29 -30.75 -3.89
C LEU B 207 14.62 -30.82 -4.63
N LEU B 208 15.17 -32.03 -4.75
CA LEU B 208 16.46 -32.24 -5.40
C LEU B 208 16.42 -31.81 -6.87
N GLU B 209 15.25 -31.88 -7.46
CA GLU B 209 15.06 -31.42 -8.84
C GLU B 209 15.06 -29.90 -8.85
N ARG B 210 14.03 -29.33 -8.24
CA ARG B 210 13.85 -27.88 -8.14
C ARG B 210 15.16 -27.15 -7.79
N LEU B 211 16.16 -27.92 -7.37
CA LEU B 211 17.42 -27.36 -6.91
C LEU B 211 18.48 -27.42 -8.01
N THR C 5 -4.76 30.16 0.70
CA THR C 5 -5.31 28.88 1.10
C THR C 5 -6.84 28.77 0.90
N GLY C 6 -7.29 27.66 0.33
CA GLY C 6 -8.71 27.45 0.09
C GLY C 6 -9.30 26.39 1.00
N LEU C 7 -10.45 25.87 0.61
CA LEU C 7 -11.18 24.90 1.44
C LEU C 7 -11.86 23.85 0.57
N PHE C 8 -11.79 22.59 1.01
CA PHE C 8 -12.27 21.46 0.21
C PHE C 8 -13.53 20.90 0.88
N VAL C 9 -14.68 21.15 0.28
CA VAL C 9 -15.95 20.68 0.81
C VAL C 9 -16.55 19.63 -0.13
N THR C 10 -16.94 18.48 0.39
CA THR C 10 -17.61 17.51 -0.47
C THR C 10 -19.07 17.30 -0.08
N LEU C 11 -19.89 16.92 -1.06
CA LEU C 11 -21.29 16.60 -0.80
C LEU C 11 -21.49 15.14 -1.21
N GLU C 12 -22.19 14.38 -0.36
CA GLU C 12 -22.47 12.97 -0.62
C GLU C 12 -23.95 12.70 -0.40
N GLY C 13 -24.52 11.80 -1.20
CA GLY C 13 -25.93 11.48 -1.11
C GLY C 13 -26.52 11.21 -2.49
N PRO C 14 -27.76 10.69 -2.52
CA PRO C 14 -28.41 10.31 -3.76
C PRO C 14 -29.07 11.52 -4.42
N GLU C 15 -29.53 11.37 -5.67
CA GLU C 15 -30.32 12.41 -6.29
C GLU C 15 -31.67 12.49 -5.57
N GLY C 16 -32.44 13.54 -5.83
CA GLY C 16 -33.70 13.74 -5.14
C GLY C 16 -33.53 14.11 -3.68
N ALA C 17 -32.30 14.42 -3.28
CA ALA C 17 -32.02 14.84 -1.91
C ALA C 17 -31.72 16.34 -1.86
N GLY C 18 -31.64 16.95 -3.04
CA GLY C 18 -31.46 18.39 -3.16
C GLY C 18 -30.01 18.84 -3.09
N LYS C 19 -29.08 17.92 -3.32
CA LYS C 19 -27.66 18.24 -3.29
C LYS C 19 -27.35 19.45 -4.15
N SER C 20 -27.84 19.43 -5.39
CA SER C 20 -27.51 20.49 -6.34
C SER C 20 -28.09 21.86 -5.95
N THR C 21 -29.35 21.88 -5.50
CA THR C 21 -29.96 23.16 -5.16
C THR C 21 -29.27 23.72 -3.92
N ASN C 22 -28.97 22.83 -2.97
CA ASN C 22 -28.26 23.23 -1.76
C ASN C 22 -26.80 23.59 -1.99
N ARG C 23 -26.16 22.95 -2.97
CA ARG C 23 -24.80 23.33 -3.35
C ARG C 23 -24.85 24.71 -3.98
N ASP C 24 -25.84 24.96 -4.83
CA ASP C 24 -26.06 26.30 -5.37
C ASP C 24 -26.27 27.32 -4.24
N TYR C 25 -27.05 26.96 -3.24
CA TYR C 25 -27.35 27.86 -2.11
C TYR C 25 -26.07 28.24 -1.35
N LEU C 26 -25.31 27.22 -0.95
CA LEU C 26 -24.04 27.44 -0.27
C LEU C 26 -23.13 28.31 -1.13
N ALA C 27 -23.03 27.97 -2.42
CA ALA C 27 -22.18 28.68 -3.37
C ALA C 27 -22.53 30.17 -3.46
N GLU C 28 -23.82 30.50 -3.45
CA GLU C 28 -24.23 31.89 -3.46
C GLU C 28 -23.86 32.61 -2.16
N ARG C 29 -23.98 31.92 -1.03
CA ARG C 29 -23.62 32.53 0.25
C ARG C 29 -22.14 32.90 0.26
N LEU C 30 -21.31 32.02 -0.30
CA LEU C 30 -19.88 32.25 -0.34
C LEU C 30 -19.51 33.34 -1.36
N ARG C 31 -20.12 33.27 -2.54
CA ARG C 31 -19.82 34.24 -3.58
C ARG C 31 -20.16 35.68 -3.17
N GLU C 32 -21.25 35.86 -2.43
CA GLU C 32 -21.66 37.21 -2.03
C GLU C 32 -20.73 37.76 -0.95
N ARG C 33 -19.84 36.91 -0.49
CA ARG C 33 -18.82 37.34 0.47
C ARG C 33 -17.45 37.47 -0.19
N GLY C 34 -17.45 37.45 -1.51
CA GLY C 34 -16.22 37.63 -2.28
C GLY C 34 -15.34 36.41 -2.38
N ILE C 35 -15.88 35.24 -2.06
CA ILE C 35 -15.10 34.01 -2.11
C ILE C 35 -15.32 33.28 -3.44
N GLU C 36 -14.21 32.91 -4.09
CA GLU C 36 -14.30 32.15 -5.33
C GLU C 36 -14.78 30.73 -5.05
N VAL C 37 -15.79 30.30 -5.79
CA VAL C 37 -16.34 28.96 -5.64
C VAL C 37 -16.10 28.12 -6.87
N GLN C 38 -15.46 26.97 -6.68
CA GLN C 38 -15.27 26.03 -7.78
C GLN C 38 -16.23 24.86 -7.63
N LEU C 39 -17.23 24.77 -8.50
CA LEU C 39 -18.12 23.60 -8.49
C LEU C 39 -17.49 22.46 -9.30
N THR C 40 -17.58 21.25 -8.78
CA THR C 40 -17.11 20.09 -9.52
C THR C 40 -17.85 18.82 -9.11
N ARG C 41 -17.54 17.69 -9.74
CA ARG C 41 -18.22 16.44 -9.41
C ARG C 41 -17.37 15.23 -9.74
N GLU C 42 -17.66 14.11 -9.09
CA GLU C 42 -16.99 12.85 -9.40
C GLU C 42 -18.01 11.71 -9.59
N PRO C 43 -17.64 10.66 -10.37
CA PRO C 43 -16.38 10.71 -11.13
C PRO C 43 -16.56 11.64 -12.31
N GLY C 44 -15.48 12.30 -12.73
CA GLY C 44 -15.58 13.32 -13.76
C GLY C 44 -14.82 14.56 -13.32
N GLY C 45 -15.22 15.71 -13.86
CA GLY C 45 -14.69 16.99 -13.42
C GLY C 45 -13.59 17.53 -14.32
N THR C 46 -13.08 16.69 -15.23
CA THR C 46 -12.17 17.11 -16.30
C THR C 46 -12.50 16.26 -17.51
N PRO C 47 -12.06 16.69 -18.72
CA PRO C 47 -12.40 15.96 -19.95
C PRO C 47 -12.01 14.49 -19.86
N LEU C 48 -10.77 14.19 -19.47
CA LEU C 48 -10.35 12.80 -19.31
C LEU C 48 -11.12 12.08 -18.20
N ALA C 49 -11.37 12.75 -17.08
CA ALA C 49 -12.12 12.09 -15.99
C ALA C 49 -13.53 11.75 -16.44
N GLU C 50 -14.11 12.61 -17.29
CA GLU C 50 -15.47 12.39 -17.78
C GLU C 50 -15.51 11.21 -18.74
N ARG C 51 -14.43 11.01 -19.49
CA ARG C 51 -14.34 9.83 -20.34
C ARG C 51 -14.17 8.58 -19.48
N ILE C 52 -13.46 8.69 -18.37
CA ILE C 52 -13.35 7.54 -17.47
C ILE C 52 -14.71 7.24 -16.83
N ARG C 53 -15.46 8.28 -16.51
CA ARG C 53 -16.78 8.12 -15.94
C ARG C 53 -17.66 7.32 -16.93
N GLU C 54 -17.53 7.64 -18.20
CA GLU C 54 -18.32 6.95 -19.22
C GLU C 54 -18.09 5.43 -19.16
N LEU C 55 -16.83 5.01 -19.05
CA LEU C 55 -16.53 3.58 -18.91
C LEU C 55 -17.14 2.99 -17.64
N LEU C 56 -17.18 3.78 -16.58
CA LEU C 56 -17.72 3.34 -15.31
C LEU C 56 -19.23 3.12 -15.33
N LEU C 57 -19.94 3.96 -16.09
CA LEU C 57 -21.41 3.92 -16.08
C LEU C 57 -22.02 3.08 -17.20
N ALA C 58 -21.26 2.88 -18.27
CA ALA C 58 -21.78 2.21 -19.45
C ALA C 58 -22.02 0.72 -19.18
N PRO C 59 -23.28 0.28 -19.29
CA PRO C 59 -23.54 -1.15 -19.09
C PRO C 59 -22.80 -1.96 -20.15
N SER C 60 -22.42 -3.19 -19.80
CA SER C 60 -21.76 -4.06 -20.77
C SER C 60 -22.04 -5.53 -20.48
N ASP C 61 -21.99 -6.35 -21.53
CA ASP C 61 -22.13 -7.80 -21.38
C ASP C 61 -20.95 -8.39 -20.63
N GLU C 62 -19.82 -7.70 -20.67
CA GLU C 62 -18.63 -8.11 -19.92
C GLU C 62 -18.69 -7.57 -18.49
N PRO C 63 -18.60 -8.48 -17.49
CA PRO C 63 -18.60 -8.07 -16.09
C PRO C 63 -17.34 -7.29 -15.76
N MET C 64 -17.49 -6.10 -15.20
CA MET C 64 -16.33 -5.33 -14.74
C MET C 64 -15.80 -5.89 -13.42
N ALA C 65 -14.53 -6.28 -13.41
CA ALA C 65 -13.92 -6.76 -12.16
C ALA C 65 -14.02 -5.69 -11.06
N ALA C 66 -14.19 -6.11 -9.81
CA ALA C 66 -14.29 -5.15 -8.70
C ALA C 66 -13.06 -4.25 -8.64
N ASP C 67 -11.88 -4.86 -8.72
CA ASP C 67 -10.64 -4.08 -8.73
C ASP C 67 -10.61 -3.11 -9.91
N THR C 68 -11.13 -3.55 -11.06
CA THR C 68 -11.13 -2.66 -12.21
C THR C 68 -11.98 -1.43 -11.90
N GLU C 69 -13.16 -1.65 -11.33
CA GLU C 69 -14.06 -0.54 -11.02
C GLU C 69 -13.39 0.39 -10.00
N LEU C 70 -12.73 -0.20 -9.01
CA LEU C 70 -12.11 0.59 -7.96
C LEU C 70 -10.95 1.44 -8.52
N LEU C 71 -10.09 0.82 -9.33
CA LEU C 71 -8.96 1.51 -9.94
C LEU C 71 -9.39 2.59 -10.95
N LEU C 72 -10.47 2.35 -11.68
CA LEU C 72 -10.95 3.38 -12.58
C LEU C 72 -11.46 4.60 -11.80
N MET C 73 -12.22 4.34 -10.74
CA MET C 73 -12.73 5.41 -9.89
C MET C 73 -11.58 6.28 -9.37
N PHE C 74 -10.51 5.64 -8.92
CA PHE C 74 -9.34 6.37 -8.44
C PHE C 74 -8.50 7.02 -9.56
N ALA C 75 -8.50 6.43 -10.76
CA ALA C 75 -7.84 7.07 -11.91
C ALA C 75 -8.53 8.40 -12.22
N ALA C 76 -9.85 8.38 -12.27
CA ALA C 76 -10.60 9.62 -12.49
C ALA C 76 -10.30 10.64 -11.37
N ARG C 77 -10.24 10.16 -10.13
CA ARG C 77 -9.94 11.01 -8.98
C ARG C 77 -8.54 11.63 -9.07
N ALA C 78 -7.55 10.81 -9.39
CA ALA C 78 -6.18 11.29 -9.56
C ALA C 78 -6.15 12.45 -10.56
N GLN C 79 -6.81 12.26 -11.70
CA GLN C 79 -6.78 13.28 -12.74
C GLN C 79 -7.48 14.53 -12.25
N HIS C 80 -8.61 14.34 -11.58
CA HIS C 80 -9.44 15.44 -11.09
C HIS C 80 -8.70 16.24 -10.01
N LEU C 81 -7.97 15.55 -9.14
CA LEU C 81 -7.18 16.21 -8.11
C LEU C 81 -6.13 17.13 -8.72
N ALA C 82 -5.42 16.60 -9.72
CA ALA C 82 -4.33 17.33 -10.36
C ALA C 82 -4.83 18.48 -11.23
N GLY C 83 -5.94 18.24 -11.92
CA GLY C 83 -6.44 19.19 -12.90
C GLY C 83 -7.33 20.28 -12.30
N VAL C 84 -8.11 19.93 -11.28
CA VAL C 84 -9.11 20.88 -10.78
C VAL C 84 -9.01 21.14 -9.28
N ILE C 85 -9.01 20.09 -8.49
CA ILE C 85 -9.12 20.30 -7.05
C ILE C 85 -7.93 21.00 -6.43
N ARG C 86 -6.74 20.49 -6.67
CA ARG C 86 -5.56 21.12 -6.05
C ARG C 86 -5.32 22.56 -6.55
N PRO C 87 -5.46 22.79 -7.86
CA PRO C 87 -5.26 24.18 -8.32
C PRO C 87 -6.28 25.13 -7.71
N ALA C 88 -7.53 24.69 -7.58
CA ALA C 88 -8.54 25.52 -6.95
C ALA C 88 -8.09 25.90 -5.54
N LEU C 89 -7.72 24.90 -4.74
CA LEU C 89 -7.33 25.18 -3.36
C LEU C 89 -6.16 26.14 -3.32
N ALA C 90 -5.23 25.97 -4.25
CA ALA C 90 -4.07 26.86 -4.35
C ALA C 90 -4.47 28.31 -4.62
N ARG C 91 -5.63 28.51 -5.25
CA ARG C 91 -6.13 29.84 -5.56
C ARG C 91 -6.83 30.47 -4.37
N GLY C 92 -7.03 29.69 -3.31
CA GLY C 92 -7.78 30.16 -2.16
C GLY C 92 -9.28 29.94 -2.34
N ALA C 93 -9.64 29.20 -3.40
CA ALA C 93 -11.04 28.96 -3.72
C ALA C 93 -11.64 27.95 -2.74
N VAL C 94 -12.96 28.00 -2.63
CA VAL C 94 -13.69 26.94 -1.96
C VAL C 94 -14.21 25.98 -3.02
N VAL C 95 -13.83 24.71 -2.89
CA VAL C 95 -14.29 23.68 -3.80
C VAL C 95 -15.56 23.03 -3.25
N LEU C 96 -16.63 22.99 -4.04
CA LEU C 96 -17.82 22.26 -3.65
C LEU C 96 -17.94 21.06 -4.59
N CYS C 97 -17.50 19.90 -4.12
CA CYS C 97 -17.39 18.73 -4.97
C CYS C 97 -18.51 17.74 -4.69
N ASP C 98 -19.34 17.47 -5.70
CA ASP C 98 -20.41 16.50 -5.57
C ASP C 98 -19.84 15.07 -5.67
N ARG C 99 -19.71 14.41 -4.52
CA ARG C 99 -19.16 13.06 -4.38
C ARG C 99 -17.63 13.01 -4.43
N PHE C 100 -17.06 12.23 -3.53
CA PHE C 100 -15.62 12.05 -3.46
C PHE C 100 -15.37 10.67 -2.85
N THR C 101 -14.27 10.53 -2.12
CA THR C 101 -13.84 9.20 -1.67
C THR C 101 -14.83 8.52 -0.69
N ASP C 102 -15.62 9.32 0.03
CA ASP C 102 -16.67 8.71 0.86
C ASP C 102 -17.61 7.85 -0.01
N ALA C 103 -17.88 8.31 -1.22
CA ALA C 103 -18.74 7.56 -2.15
C ALA C 103 -18.07 6.25 -2.57
N THR C 104 -16.74 6.26 -2.59
CA THR C 104 -16.00 5.02 -2.82
C THR C 104 -16.19 4.05 -1.64
N TYR C 105 -16.02 4.52 -0.41
CA TYR C 105 -16.27 3.62 0.72
C TYR C 105 -17.70 3.11 0.72
N ALA C 106 -18.61 3.94 0.23
CA ALA C 106 -20.04 3.60 0.29
C ALA C 106 -20.45 2.63 -0.83
N TYR C 107 -20.05 2.94 -2.05
CA TYR C 107 -20.48 2.15 -3.20
C TYR C 107 -19.60 0.90 -3.40
N GLN C 108 -18.30 1.12 -3.54
CA GLN C 108 -17.37 0.02 -3.73
C GLN C 108 -17.18 -0.76 -2.44
N GLY C 109 -17.28 -0.08 -1.30
CA GLY C 109 -17.12 -0.74 -0.02
C GLY C 109 -18.42 -1.31 0.51
N GLY C 110 -19.35 -0.44 0.87
CA GLY C 110 -20.62 -0.87 1.42
C GLY C 110 -21.46 -1.61 0.41
N GLY C 111 -21.64 -1.00 -0.76
CA GLY C 111 -22.40 -1.61 -1.84
C GLY C 111 -21.83 -2.92 -2.35
N ARG C 112 -20.58 -2.89 -2.81
CA ARG C 112 -19.99 -4.05 -3.49
C ARG C 112 -19.34 -5.03 -2.53
N GLY C 113 -18.95 -4.54 -1.36
CA GLY C 113 -18.33 -5.38 -0.36
C GLY C 113 -16.80 -5.42 -0.41
N LEU C 114 -16.18 -4.51 -1.14
CA LEU C 114 -14.71 -4.47 -1.18
C LEU C 114 -14.17 -4.13 0.22
N PRO C 115 -13.07 -4.78 0.62
CA PRO C 115 -12.50 -4.48 1.94
C PRO C 115 -12.16 -3.00 2.09
N GLU C 116 -12.61 -2.39 3.19
CA GLU C 116 -12.33 -0.99 3.47
C GLU C 116 -10.83 -0.69 3.40
N ALA C 117 -10.00 -1.65 3.83
CA ALA C 117 -8.56 -1.44 3.86
C ALA C 117 -7.96 -1.26 2.46
N ARG C 118 -8.54 -1.88 1.45
CA ARG C 118 -8.02 -1.72 0.10
C ARG C 118 -8.39 -0.34 -0.41
N ILE C 119 -9.57 0.12 -0.05
CA ILE C 119 -9.97 1.48 -0.40
C ILE C 119 -9.08 2.50 0.32
N ALA C 120 -8.82 2.27 1.61
CA ALA C 120 -7.95 3.16 2.37
C ALA C 120 -6.55 3.24 1.75
N ALA C 121 -6.03 2.11 1.25
CA ALA C 121 -4.68 2.11 0.69
C ALA C 121 -4.61 3.00 -0.54
N LEU C 122 -5.64 2.92 -1.39
CA LEU C 122 -5.67 3.70 -2.61
C LEU C 122 -5.93 5.17 -2.33
N GLU C 123 -6.80 5.45 -1.36
CA GLU C 123 -7.04 6.81 -0.93
C GLU C 123 -5.73 7.51 -0.58
N SER C 124 -4.87 6.84 0.20
CA SER C 124 -3.64 7.48 0.60
C SER C 124 -2.68 7.54 -0.58
N PHE C 125 -2.67 6.48 -1.36
CA PHE C 125 -1.79 6.36 -2.50
C PHE C 125 -2.08 7.51 -3.48
N VAL C 126 -3.36 7.76 -3.72
CA VAL C 126 -3.76 8.81 -4.66
C VAL C 126 -3.77 10.24 -4.09
N GLN C 127 -4.16 10.37 -2.82
CA GLN C 127 -4.43 11.69 -2.27
C GLN C 127 -3.34 12.26 -1.36
N GLY C 128 -2.38 11.42 -0.96
CA GLY C 128 -1.44 11.82 0.09
C GLY C 128 -2.22 12.18 1.34
N ASP C 129 -1.92 13.33 1.91
CA ASP C 129 -2.65 13.79 3.09
C ASP C 129 -3.96 14.55 2.81
N LEU C 130 -4.25 14.84 1.56
CA LEU C 130 -5.46 15.63 1.26
C LEU C 130 -6.75 14.87 1.61
N ARG C 131 -7.59 15.47 2.45
CA ARG C 131 -8.94 14.97 2.74
C ARG C 131 -9.87 16.18 2.74
N PRO C 132 -11.19 15.95 2.57
CA PRO C 132 -12.07 17.13 2.62
C PRO C 132 -12.00 17.83 3.99
N ASP C 133 -12.12 19.15 3.97
CA ASP C 133 -12.22 19.91 5.21
C ASP C 133 -13.60 19.73 5.85
N LEU C 134 -14.62 19.57 5.01
CA LEU C 134 -15.99 19.35 5.48
C LEU C 134 -16.71 18.47 4.47
N THR C 135 -17.48 17.51 4.96
CA THR C 135 -18.26 16.64 4.09
C THR C 135 -19.73 16.67 4.46
N LEU C 136 -20.55 17.15 3.54
CA LEU C 136 -21.98 17.28 3.78
C LEU C 136 -22.70 16.04 3.32
N VAL C 137 -23.29 15.32 4.26
CA VAL C 137 -24.00 14.09 3.93
C VAL C 137 -25.50 14.39 3.87
N PHE C 138 -26.05 14.34 2.67
CA PHE C 138 -27.49 14.53 2.51
C PHE C 138 -28.19 13.19 2.68
N ASP C 139 -28.83 13.02 3.82
CA ASP C 139 -29.38 11.72 4.20
C ASP C 139 -30.89 11.67 4.02
N LEU C 140 -31.37 10.63 3.36
CA LEU C 140 -32.81 10.37 3.30
C LEU C 140 -33.08 8.94 2.86
N PRO C 141 -34.22 8.38 3.29
CA PRO C 141 -34.61 7.00 2.98
C PRO C 141 -34.47 6.68 1.50
N VAL C 142 -34.22 5.41 1.17
CA VAL C 142 -34.03 5.01 -0.22
C VAL C 142 -35.35 5.02 -1.00
N ARG C 154 -31.99 4.90 -20.33
CA ARG C 154 -32.18 3.86 -19.31
C ARG C 154 -31.24 4.04 -18.13
N LEU C 155 -30.95 2.94 -17.44
CA LEU C 155 -30.12 2.96 -16.25
C LEU C 155 -28.65 2.73 -16.61
N ASP C 156 -27.76 3.27 -15.79
CA ASP C 156 -26.34 2.99 -15.91
C ASP C 156 -25.99 1.78 -15.04
N ARG C 157 -24.70 1.45 -14.96
CA ARG C 157 -24.28 0.25 -14.24
C ARG C 157 -24.71 0.24 -12.78
N PHE C 158 -24.67 1.40 -12.13
CA PHE C 158 -25.00 1.49 -10.70
C PHE C 158 -26.50 1.51 -10.43
N GLU C 159 -27.25 2.19 -11.28
CA GLU C 159 -28.70 2.25 -11.13
C GLU C 159 -29.34 0.87 -11.34
N GLN C 160 -28.61 -0.04 -12.00
CA GLN C 160 -29.09 -1.40 -12.17
C GLN C 160 -29.15 -2.16 -10.84
N GLU C 161 -28.43 -1.68 -9.84
CA GLU C 161 -28.37 -2.33 -8.53
C GLU C 161 -29.70 -2.28 -7.77
N ASP C 162 -29.80 -3.09 -6.73
CA ASP C 162 -31.04 -3.28 -5.99
C ASP C 162 -31.14 -2.36 -4.78
N ARG C 163 -32.22 -2.52 -4.02
CA ARG C 163 -32.51 -1.66 -2.88
C ARG C 163 -31.53 -1.87 -1.72
N ARG C 164 -31.10 -3.12 -1.51
CA ARG C 164 -30.16 -3.45 -0.45
C ARG C 164 -28.78 -2.82 -0.71
N PHE C 165 -28.40 -2.77 -1.98
CA PHE C 165 -27.17 -2.11 -2.38
C PHE C 165 -27.24 -0.65 -1.93
N PHE C 166 -28.29 0.04 -2.33
CA PHE C 166 -28.42 1.46 -2.01
C PHE C 166 -28.68 1.71 -0.53
N GLU C 167 -29.16 0.70 0.19
CA GLU C 167 -29.34 0.81 1.63
C GLU C 167 -28.00 0.77 2.34
N ALA C 168 -27.15 -0.19 1.96
CA ALA C 168 -25.81 -0.28 2.50
C ALA C 168 -24.99 0.98 2.14
N VAL C 169 -25.25 1.55 0.96
CA VAL C 169 -24.66 2.82 0.57
C VAL C 169 -25.03 3.90 1.59
N ARG C 170 -26.33 4.08 1.82
CA ARG C 170 -26.80 5.10 2.74
C ARG C 170 -26.13 4.95 4.10
N GLN C 171 -26.07 3.73 4.60
CA GLN C 171 -25.58 3.47 5.95
C GLN C 171 -24.08 3.73 6.10
N THR C 172 -23.33 3.58 5.01
CA THR C 172 -21.89 3.79 5.09
C THR C 172 -21.56 5.25 5.34
N TYR C 173 -22.32 6.16 4.73
CA TYR C 173 -22.13 7.59 4.97
C TYR C 173 -22.32 7.91 6.44
N LEU C 174 -23.35 7.32 7.04
CA LEU C 174 -23.70 7.60 8.42
C LEU C 174 -22.68 7.00 9.37
N GLN C 175 -22.19 5.80 9.04
CA GLN C 175 -21.16 5.17 9.84
C GLN C 175 -19.89 6.00 9.80
N ARG C 176 -19.51 6.45 8.61
CA ARG C 176 -18.29 7.24 8.46
C ARG C 176 -18.47 8.59 9.13
N ALA C 177 -19.63 9.21 8.91
CA ALA C 177 -19.94 10.49 9.53
C ALA C 177 -19.87 10.41 11.05
N ALA C 178 -20.30 9.28 11.60
CA ALA C 178 -20.31 9.09 13.05
C ALA C 178 -18.90 8.94 13.66
N GLN C 179 -17.97 8.38 12.89
CA GLN C 179 -16.61 8.16 13.37
C GLN C 179 -15.77 9.43 13.37
N ALA C 180 -16.11 10.36 12.49
CA ALA C 180 -15.35 11.62 12.38
C ALA C 180 -16.29 12.80 12.38
N PRO C 181 -16.95 13.06 13.51
CA PRO C 181 -18.02 14.06 13.62
C PRO C 181 -17.54 15.49 13.28
N GLU C 182 -16.24 15.73 13.41
CA GLU C 182 -15.67 17.04 13.14
C GLU C 182 -15.55 17.35 11.65
N ARG C 183 -15.41 16.32 10.83
CA ARG C 183 -15.24 16.49 9.39
C ARG C 183 -16.57 16.42 8.64
N TYR C 184 -17.57 15.80 9.26
CA TYR C 184 -18.86 15.60 8.62
C TYR C 184 -19.96 16.42 9.26
N GLN C 185 -20.95 16.75 8.45
CA GLN C 185 -22.22 17.30 8.91
C GLN C 185 -23.31 16.53 8.21
N VAL C 186 -24.11 15.78 8.96
CA VAL C 186 -25.20 15.03 8.36
C VAL C 186 -26.47 15.87 8.25
N LEU C 187 -27.05 15.92 7.05
CA LEU C 187 -28.27 16.69 6.84
C LEU C 187 -29.46 15.79 6.58
N ASP C 188 -30.59 16.10 7.22
CA ASP C 188 -31.81 15.35 6.99
C ASP C 188 -32.52 15.89 5.75
N ALA C 189 -32.24 15.28 4.61
CA ALA C 189 -32.76 15.77 3.33
C ALA C 189 -34.26 15.51 3.23
N GLY C 190 -34.82 14.84 4.24
CA GLY C 190 -36.25 14.64 4.33
C GLY C 190 -36.94 15.86 4.92
N LEU C 191 -36.15 16.77 5.48
CA LEU C 191 -36.71 18.01 6.04
C LEU C 191 -37.05 19.02 4.94
N PRO C 192 -38.03 19.91 5.22
CA PRO C 192 -38.37 20.96 4.27
C PRO C 192 -37.13 21.70 3.81
N LEU C 193 -37.01 21.96 2.52
CA LEU C 193 -35.83 22.62 1.97
C LEU C 193 -35.40 23.83 2.79
N ALA C 194 -36.37 24.65 3.16
CA ALA C 194 -36.10 25.84 3.96
C ALA C 194 -35.30 25.51 5.23
N GLU C 195 -35.70 24.45 5.90
CA GLU C 195 -35.04 24.03 7.13
C GLU C 195 -33.61 23.57 6.88
N VAL C 196 -33.41 22.82 5.80
CA VAL C 196 -32.08 22.34 5.43
C VAL C 196 -31.13 23.51 5.14
N GLN C 197 -31.62 24.50 4.40
CA GLN C 197 -30.81 25.67 4.06
C GLN C 197 -30.52 26.55 5.28
N ALA C 198 -31.41 26.48 6.27
CA ALA C 198 -31.15 27.13 7.55
C ALA C 198 -29.96 26.47 8.22
N GLY C 199 -29.85 25.15 8.08
CA GLY C 199 -28.72 24.41 8.60
C GLY C 199 -27.42 24.83 7.92
N LEU C 200 -27.49 25.01 6.60
CA LEU C 200 -26.35 25.47 5.81
C LEU C 200 -25.89 26.87 6.23
N ASP C 201 -26.85 27.71 6.59
CA ASP C 201 -26.55 29.04 7.12
C ASP C 201 -25.81 28.98 8.46
N ARG C 202 -26.18 28.01 9.29
CA ARG C 202 -25.55 27.88 10.60
C ARG C 202 -24.15 27.27 10.51
N LEU C 203 -23.87 26.62 9.39
CA LEU C 203 -22.54 26.07 9.12
C LEU C 203 -21.58 27.13 8.62
N LEU C 204 -22.13 28.19 8.01
CA LEU C 204 -21.32 29.14 7.28
C LEU C 204 -20.21 29.82 8.11
N PRO C 205 -20.54 30.35 9.31
CA PRO C 205 -19.48 31.01 10.07
C PRO C 205 -18.26 30.11 10.27
N ASN C 206 -18.48 28.86 10.64
CA ASN C 206 -17.36 27.95 10.87
C ASN C 206 -16.58 27.74 9.58
N LEU C 207 -17.30 27.66 8.47
CA LEU C 207 -16.68 27.54 7.15
C LEU C 207 -15.77 28.73 6.88
N LEU C 208 -16.30 29.93 7.07
CA LEU C 208 -15.58 31.16 6.80
C LEU C 208 -14.38 31.29 7.75
N GLU C 209 -14.59 30.89 9.00
CA GLU C 209 -13.49 30.87 9.97
C GLU C 209 -12.37 29.94 9.48
N ARG C 210 -12.74 28.74 9.02
CA ARG C 210 -11.78 27.76 8.48
C ARG C 210 -10.98 28.36 7.33
N LEU C 211 -11.69 29.04 6.44
CA LEU C 211 -11.09 29.60 5.23
C LEU C 211 -10.10 30.71 5.59
N ASN C 212 -10.50 31.55 6.54
CA ASN C 212 -9.67 32.69 6.94
C ASN C 212 -8.65 32.32 8.01
N THR D 5 -14.40 17.65 21.94
CA THR D 5 -13.39 16.96 21.14
C THR D 5 -11.96 17.38 21.52
N GLY D 6 -11.02 16.45 21.40
CA GLY D 6 -9.64 16.72 21.77
C GLY D 6 -8.82 17.35 20.65
N LEU D 7 -7.49 17.45 20.85
CA LEU D 7 -6.61 18.00 19.83
C LEU D 7 -5.25 17.30 19.87
N PHE D 8 -4.73 16.96 18.69
CA PHE D 8 -3.46 16.23 18.56
C PHE D 8 -2.35 17.19 18.10
N VAL D 9 -1.45 17.53 19.02
CA VAL D 9 -0.33 18.41 18.70
C VAL D 9 0.99 17.63 18.84
N THR D 10 1.86 17.72 17.85
CA THR D 10 3.18 17.11 17.95
C THR D 10 4.31 18.16 17.97
N LEU D 11 5.40 17.81 18.61
CA LEU D 11 6.58 18.67 18.65
C LEU D 11 7.72 17.87 18.04
N GLU D 12 8.41 18.45 17.07
CA GLU D 12 9.52 17.79 16.41
C GLU D 12 10.78 18.64 16.54
N GLY D 13 11.93 17.98 16.55
CA GLY D 13 13.20 18.65 16.66
C GLY D 13 14.16 17.86 17.53
N PRO D 14 15.41 18.30 17.59
CA PRO D 14 16.44 17.55 18.32
C PRO D 14 16.51 17.94 19.80
N GLU D 15 17.27 17.18 20.58
CA GLU D 15 17.59 17.58 21.94
C GLU D 15 18.46 18.84 21.86
N GLY D 16 18.37 19.68 22.89
CA GLY D 16 19.13 20.92 22.89
C GLY D 16 18.29 22.06 22.31
N ALA D 17 17.09 21.73 21.85
CA ALA D 17 16.23 22.70 21.20
C ALA D 17 15.17 23.24 22.16
N GLY D 18 15.17 22.72 23.38
CA GLY D 18 14.26 23.15 24.41
C GLY D 18 12.84 22.65 24.23
N LYS D 19 12.65 21.55 23.51
CA LYS D 19 11.28 21.07 23.25
C LYS D 19 10.52 20.80 24.54
N SER D 20 11.20 20.18 25.49
CA SER D 20 10.57 19.76 26.74
C SER D 20 10.23 20.95 27.63
N THR D 21 11.13 21.92 27.71
CA THR D 21 10.86 23.08 28.55
C THR D 21 9.73 23.91 27.92
N ASN D 22 9.70 24.00 26.59
CA ASN D 22 8.62 24.68 25.90
C ASN D 22 7.30 23.91 25.98
N ARG D 23 7.37 22.60 25.90
CA ARG D 23 6.17 21.80 26.03
C ARG D 23 5.49 22.03 27.39
N ASP D 24 6.29 22.11 28.44
CA ASP D 24 5.77 22.31 29.78
C ASP D 24 5.13 23.70 29.90
N TYR D 25 5.68 24.68 29.19
CA TYR D 25 5.09 26.02 29.17
C TYR D 25 3.73 25.98 28.47
N LEU D 26 3.69 25.32 27.32
CA LEU D 26 2.46 25.21 26.54
C LEU D 26 1.41 24.45 27.35
N ALA D 27 1.81 23.37 28.01
CA ALA D 27 0.89 22.56 28.80
C ALA D 27 0.19 23.39 29.87
N GLU D 28 0.94 24.21 30.61
CA GLU D 28 0.35 25.02 31.68
C GLU D 28 -0.59 26.10 31.14
N ARG D 29 -0.24 26.71 30.01
CA ARG D 29 -1.11 27.69 29.36
C ARG D 29 -2.48 27.06 29.06
N LEU D 30 -2.45 25.81 28.66
CA LEU D 30 -3.69 25.09 28.38
C LEU D 30 -4.42 24.73 29.67
N ARG D 31 -3.69 24.21 30.64
CA ARG D 31 -4.32 23.76 31.89
C ARG D 31 -4.98 24.94 32.63
N GLU D 32 -4.33 26.10 32.60
CA GLU D 32 -4.91 27.25 33.27
C GLU D 32 -6.20 27.73 32.59
N ARG D 33 -6.46 27.26 31.37
CA ARG D 33 -7.72 27.55 30.69
C ARG D 33 -8.74 26.41 30.80
N GLY D 34 -8.49 25.47 31.70
CA GLY D 34 -9.45 24.42 31.99
C GLY D 34 -9.41 23.27 31.01
N ILE D 35 -8.32 23.19 30.26
CA ILE D 35 -8.16 22.14 29.26
C ILE D 35 -7.29 20.99 29.79
N GLU D 36 -7.75 19.75 29.60
CA GLU D 36 -6.92 18.61 30.00
C GLU D 36 -5.79 18.41 29.00
N VAL D 37 -4.61 18.07 29.51
CA VAL D 37 -3.41 17.90 28.68
C VAL D 37 -2.80 16.51 28.91
N GLN D 38 -2.54 15.80 27.82
CA GLN D 38 -1.81 14.53 27.91
C GLN D 38 -0.41 14.69 27.33
N LEU D 39 0.61 14.58 28.16
CA LEU D 39 1.98 14.59 27.68
C LEU D 39 2.36 13.15 27.27
N THR D 40 3.03 13.01 26.12
CA THR D 40 3.54 11.71 25.74
C THR D 40 4.71 11.87 24.77
N ARG D 41 5.36 10.76 24.40
CA ARG D 41 6.52 10.82 23.50
C ARG D 41 6.69 9.53 22.70
N GLU D 42 7.43 9.61 21.59
CA GLU D 42 7.74 8.48 20.73
C GLU D 42 9.23 8.47 20.34
N PRO D 43 9.76 7.28 20.02
CA PRO D 43 9.01 6.04 20.17
C PRO D 43 8.88 5.76 21.66
N GLY D 44 7.80 5.10 22.07
CA GLY D 44 7.54 4.91 23.49
C GLY D 44 6.12 5.32 23.90
N GLY D 45 5.92 5.59 25.19
CA GLY D 45 4.64 6.11 25.66
C GLY D 45 3.74 5.09 26.34
N THR D 46 4.05 3.80 26.18
CA THR D 46 3.40 2.73 26.93
C THR D 46 4.50 1.72 27.25
N PRO D 47 4.26 0.86 28.25
CA PRO D 47 5.30 -0.10 28.64
C PRO D 47 5.83 -0.90 27.46
N LEU D 48 4.93 -1.43 26.63
CA LEU D 48 5.37 -2.17 25.46
C LEU D 48 6.10 -1.25 24.48
N ALA D 49 5.52 -0.07 24.21
CA ALA D 49 6.15 0.82 23.26
C ALA D 49 7.57 1.20 23.72
N GLU D 50 7.73 1.31 25.03
CA GLU D 50 9.06 1.59 25.62
C GLU D 50 10.02 0.42 25.47
N ARG D 51 9.50 -0.81 25.53
CA ARG D 51 10.33 -1.97 25.21
C ARG D 51 10.81 -1.92 23.77
N ILE D 52 9.93 -1.48 22.87
CA ILE D 52 10.29 -1.34 21.46
C ILE D 52 11.30 -0.23 21.28
N ARG D 53 11.07 0.89 21.97
CA ARG D 53 12.02 1.98 21.98
C ARG D 53 13.43 1.49 22.29
N GLU D 54 13.56 0.70 23.36
CA GLU D 54 14.89 0.25 23.80
C GLU D 54 15.59 -0.54 22.71
N LEU D 55 14.83 -1.31 21.95
CA LEU D 55 15.45 -2.11 20.89
C LEU D 55 15.93 -1.16 19.79
N LEU D 56 15.14 -0.13 19.50
CA LEU D 56 15.47 0.84 18.46
C LEU D 56 16.74 1.61 18.78
N LEU D 57 16.96 1.90 20.05
CA LEU D 57 18.05 2.79 20.46
C LEU D 57 19.35 2.07 20.79
N ALA D 58 19.26 0.79 21.12
CA ALA D 58 20.42 0.06 21.66
C ALA D 58 21.44 -0.28 20.58
N PRO D 59 22.67 0.23 20.74
CA PRO D 59 23.75 -0.13 19.82
C PRO D 59 23.96 -1.64 19.75
N SER D 60 24.31 -2.14 18.58
CA SER D 60 24.55 -3.57 18.44
C SER D 60 25.63 -3.86 17.41
N ASP D 61 26.32 -4.99 17.57
CA ASP D 61 27.23 -5.50 16.55
C ASP D 61 26.44 -6.01 15.33
N GLU D 62 25.17 -6.35 15.55
CA GLU D 62 24.30 -6.75 14.46
C GLU D 62 23.66 -5.52 13.84
N PRO D 63 23.97 -5.24 12.58
CA PRO D 63 23.38 -4.06 11.93
C PRO D 63 21.87 -4.25 11.76
N MET D 64 21.11 -3.19 12.01
CA MET D 64 19.67 -3.25 11.89
C MET D 64 19.25 -2.83 10.48
N ALA D 65 18.51 -3.69 9.80
CA ALA D 65 18.05 -3.33 8.46
C ALA D 65 17.15 -2.08 8.57
N ALA D 66 17.21 -1.23 7.55
CA ALA D 66 16.39 -0.01 7.57
C ALA D 66 14.90 -0.33 7.67
N ASP D 67 14.45 -1.36 6.93
CA ASP D 67 13.06 -1.81 7.02
C ASP D 67 12.68 -2.26 8.43
N THR D 68 13.56 -3.00 9.08
CA THR D 68 13.33 -3.39 10.48
C THR D 68 13.12 -2.17 11.38
N GLU D 69 13.99 -1.18 11.24
CA GLU D 69 13.91 0.07 11.98
C GLU D 69 12.57 0.80 11.71
N LEU D 70 12.24 0.91 10.44
CA LEU D 70 11.01 1.57 10.04
C LEU D 70 9.78 0.84 10.63
N LEU D 71 9.75 -0.48 10.54
CA LEU D 71 8.63 -1.26 11.06
C LEU D 71 8.51 -1.26 12.59
N LEU D 72 9.63 -1.33 13.28
CA LEU D 72 9.65 -1.16 14.74
C LEU D 72 9.13 0.21 15.16
N MET D 73 9.48 1.26 14.41
CA MET D 73 9.00 2.60 14.76
C MET D 73 7.49 2.62 14.65
N PHE D 74 6.97 2.00 13.60
CA PHE D 74 5.52 1.99 13.43
C PHE D 74 4.79 1.04 14.37
N ALA D 75 5.44 -0.04 14.80
CA ALA D 75 4.84 -0.96 15.75
C ALA D 75 4.67 -0.24 17.11
N ALA D 76 5.69 0.50 17.54
CA ALA D 76 5.58 1.30 18.75
C ALA D 76 4.49 2.38 18.59
N ARG D 77 4.41 2.97 17.40
CA ARG D 77 3.41 4.01 17.14
C ARG D 77 1.98 3.43 17.24
N ALA D 78 1.79 2.25 16.67
CA ALA D 78 0.49 1.59 16.68
C ALA D 78 0.05 1.34 18.12
N GLN D 79 0.96 0.83 18.94
CA GLN D 79 0.65 0.57 20.33
C GLN D 79 0.35 1.86 21.13
N HIS D 80 1.12 2.90 20.83
CA HIS D 80 0.98 4.22 21.46
C HIS D 80 -0.34 4.87 21.11
N LEU D 81 -0.72 4.78 19.84
CA LEU D 81 -2.00 5.30 19.38
C LEU D 81 -3.16 4.64 20.10
N ALA D 82 -3.12 3.31 20.16
CA ALA D 82 -4.21 2.56 20.77
C ALA D 82 -4.27 2.79 22.28
N GLY D 83 -3.12 2.87 22.92
CA GLY D 83 -3.05 2.92 24.37
C GLY D 83 -3.22 4.30 24.97
N VAL D 84 -2.64 5.31 24.32
CA VAL D 84 -2.52 6.64 24.89
C VAL D 84 -3.20 7.71 24.06
N ILE D 85 -2.80 7.84 22.80
CA ILE D 85 -3.24 8.98 22.00
C ILE D 85 -4.75 8.96 21.74
N ARG D 86 -5.27 7.88 21.17
CA ARG D 86 -6.69 7.83 20.88
C ARG D 86 -7.59 7.98 22.13
N PRO D 87 -7.26 7.28 23.23
CA PRO D 87 -8.04 7.44 24.46
C PRO D 87 -8.05 8.89 24.97
N ALA D 88 -6.90 9.56 24.89
CA ALA D 88 -6.80 10.96 25.28
C ALA D 88 -7.65 11.87 24.41
N LEU D 89 -7.55 11.71 23.09
CA LEU D 89 -8.37 12.50 22.19
C LEU D 89 -9.85 12.28 22.47
N ALA D 90 -10.21 11.03 22.76
CA ALA D 90 -11.59 10.68 23.00
C ALA D 90 -12.15 11.25 24.32
N ARG D 91 -11.26 11.58 25.25
CA ARG D 91 -11.61 12.25 26.52
C ARG D 91 -11.72 13.76 26.33
N GLY D 92 -11.36 14.23 25.13
CA GLY D 92 -11.32 15.65 24.87
C GLY D 92 -10.04 16.34 25.31
N ALA D 93 -9.00 15.57 25.59
CA ALA D 93 -7.72 16.15 25.99
C ALA D 93 -6.94 16.71 24.79
N VAL D 94 -6.01 17.63 25.07
CA VAL D 94 -5.03 18.05 24.07
C VAL D 94 -3.79 17.18 24.32
N VAL D 95 -3.40 16.41 23.30
CA VAL D 95 -2.21 15.59 23.39
C VAL D 95 -1.01 16.42 22.95
N LEU D 96 0.02 16.44 23.78
CA LEU D 96 1.29 17.09 23.42
C LEU D 96 2.35 16.00 23.33
N CYS D 97 2.61 15.56 22.11
CA CYS D 97 3.41 14.38 21.87
C CYS D 97 4.78 14.76 21.32
N ASP D 98 5.83 14.38 22.05
CA ASP D 98 7.19 14.68 21.62
C ASP D 98 7.59 13.67 20.56
N ARG D 99 7.58 14.13 19.31
CA ARG D 99 7.99 13.33 18.13
C ARG D 99 6.86 12.44 17.66
N PHE D 100 6.68 12.39 16.34
CA PHE D 100 5.67 11.52 15.77
C PHE D 100 6.13 11.15 14.37
N THR D 101 5.21 11.00 13.44
CA THR D 101 5.57 10.52 12.10
C THR D 101 6.44 11.49 11.26
N ASP D 102 6.38 12.80 11.52
CA ASP D 102 7.36 13.68 10.86
C ASP D 102 8.81 13.23 11.14
N ALA D 103 9.07 12.76 12.35
CA ALA D 103 10.40 12.26 12.71
C ALA D 103 10.77 11.02 11.90
N THR D 104 9.77 10.21 11.58
CA THR D 104 10.00 9.07 10.71
C THR D 104 10.41 9.54 9.32
N TYR D 105 9.66 10.47 8.74
CA TYR D 105 10.06 11.01 7.44
C TYR D 105 11.46 11.63 7.51
N ALA D 106 11.78 12.30 8.62
CA ALA D 106 13.09 12.95 8.76
C ALA D 106 14.24 11.97 8.95
N TYR D 107 14.08 11.04 9.90
CA TYR D 107 15.12 10.07 10.24
C TYR D 107 15.21 8.89 9.27
N GLN D 108 14.09 8.18 9.12
CA GLN D 108 14.08 7.01 8.24
C GLN D 108 14.12 7.40 6.76
N GLY D 109 13.47 8.51 6.40
CA GLY D 109 13.46 8.97 5.01
C GLY D 109 14.65 9.85 4.67
N GLY D 110 14.72 11.03 5.29
CA GLY D 110 15.85 11.91 5.04
C GLY D 110 17.17 11.30 5.48
N GLY D 111 17.21 10.78 6.69
CA GLY D 111 18.41 10.16 7.24
C GLY D 111 18.87 8.88 6.54
N ARG D 112 18.04 7.85 6.55
CA ARG D 112 18.40 6.55 5.97
C ARG D 112 18.24 6.52 4.47
N GLY D 113 17.49 7.47 3.92
CA GLY D 113 17.15 7.45 2.52
C GLY D 113 16.11 6.43 2.10
N LEU D 114 15.24 6.02 3.02
CA LEU D 114 14.09 5.17 2.64
C LEU D 114 13.13 6.02 1.82
N PRO D 115 12.55 5.46 0.75
CA PRO D 115 11.64 6.25 -0.10
C PRO D 115 10.44 6.80 0.70
N GLU D 116 10.11 8.07 0.47
CA GLU D 116 8.98 8.70 1.17
C GLU D 116 7.69 7.88 1.02
N ALA D 117 7.50 7.26 -0.14
CA ALA D 117 6.25 6.56 -0.42
C ALA D 117 6.06 5.33 0.48
N ARG D 118 7.16 4.70 0.87
CA ARG D 118 7.07 3.60 1.81
C ARG D 118 6.65 4.04 3.21
N ILE D 119 7.20 5.17 3.64
CA ILE D 119 6.80 5.72 4.92
C ILE D 119 5.33 6.19 4.89
N ALA D 120 4.90 6.75 3.77
CA ALA D 120 3.51 7.18 3.61
C ALA D 120 2.51 6.01 3.65
N ALA D 121 2.87 4.90 3.03
CA ALA D 121 2.00 3.72 3.02
C ALA D 121 1.77 3.21 4.45
N LEU D 122 2.83 3.20 5.24
CA LEU D 122 2.75 2.76 6.64
C LEU D 122 1.98 3.77 7.50
N GLU D 123 2.21 5.04 7.22
CA GLU D 123 1.53 6.11 7.95
C GLU D 123 0.02 5.87 7.85
N SER D 124 -0.46 5.71 6.62
CA SER D 124 -1.87 5.44 6.39
C SER D 124 -2.33 4.11 7.01
N PHE D 125 -1.53 3.08 6.84
CA PHE D 125 -1.82 1.76 7.41
C PHE D 125 -2.06 1.85 8.93
N VAL D 126 -1.13 2.48 9.62
CA VAL D 126 -1.15 2.52 11.08
C VAL D 126 -2.14 3.54 11.65
N GLN D 127 -2.29 4.68 10.98
CA GLN D 127 -3.01 5.82 11.57
C GLN D 127 -4.40 6.06 11.02
N GLY D 128 -4.74 5.40 9.91
CA GLY D 128 -6.01 5.70 9.27
C GLY D 128 -5.97 7.16 8.87
N ASP D 129 -7.05 7.90 9.08
CA ASP D 129 -7.04 9.33 8.76
C ASP D 129 -6.42 10.21 9.87
N LEU D 130 -6.02 9.63 10.99
CA LEU D 130 -5.44 10.45 12.07
C LEU D 130 -4.13 11.11 11.70
N ARG D 131 -4.10 12.44 11.72
CA ARG D 131 -2.85 13.20 11.58
C ARG D 131 -2.84 14.24 12.71
N PRO D 132 -1.66 14.80 13.05
CA PRO D 132 -1.60 15.89 14.01
C PRO D 132 -2.41 17.11 13.54
N ASP D 133 -3.13 17.76 14.45
CA ASP D 133 -3.83 19.01 14.13
C ASP D 133 -2.84 20.16 13.97
N LEU D 134 -1.74 20.07 14.71
CA LEU D 134 -0.71 21.10 14.69
C LEU D 134 0.64 20.44 15.01
N THR D 135 1.64 20.75 14.21
CA THR D 135 2.99 20.28 14.52
C THR D 135 3.94 21.45 14.73
N LEU D 136 4.60 21.46 15.89
CA LEU D 136 5.57 22.49 16.20
C LEU D 136 6.95 21.97 15.84
N VAL D 137 7.64 22.69 14.98
CA VAL D 137 8.97 22.25 14.58
C VAL D 137 9.98 23.15 15.23
N PHE D 138 10.86 22.56 16.04
CA PHE D 138 11.90 23.32 16.70
C PHE D 138 13.15 23.23 15.86
N ASP D 139 13.41 24.31 15.16
CA ASP D 139 14.52 24.37 14.21
C ASP D 139 15.72 25.04 14.83
N LEU D 140 16.85 24.35 14.79
CA LEU D 140 18.10 24.98 15.16
C LEU D 140 19.27 24.24 14.52
N PRO D 141 20.35 24.98 14.26
CA PRO D 141 21.56 24.42 13.66
C PRO D 141 22.01 23.17 14.42
N VAL D 142 22.41 22.14 13.67
CA VAL D 142 22.83 20.88 14.26
C VAL D 142 23.92 21.02 15.32
N LEU D 155 25.93 6.95 24.28
CA LEU D 155 25.33 7.33 22.99
C LEU D 155 24.55 6.17 22.39
N ASP D 156 23.27 6.41 22.10
CA ASP D 156 22.43 5.38 21.47
C ASP D 156 22.67 5.31 19.96
N ARG D 157 21.90 4.47 19.29
CA ARG D 157 22.12 4.14 17.87
C ARG D 157 22.10 5.36 16.98
N PHE D 158 21.18 6.27 17.27
CA PHE D 158 21.01 7.48 16.48
C PHE D 158 22.02 8.56 16.84
N GLU D 159 22.31 8.69 18.14
CA GLU D 159 23.27 9.69 18.60
C GLU D 159 24.67 9.39 18.07
N GLN D 160 24.86 8.15 17.64
CA GLN D 160 26.11 7.74 17.00
C GLN D 160 26.22 8.20 15.54
N GLU D 161 25.12 8.67 14.97
CA GLU D 161 25.08 9.09 13.56
C GLU D 161 25.99 10.28 13.21
N ASP D 162 26.26 10.45 11.92
CA ASP D 162 27.13 11.52 11.42
C ASP D 162 26.40 12.83 11.15
N ARG D 163 27.17 13.89 10.90
CA ARG D 163 26.62 15.24 10.76
C ARG D 163 25.75 15.42 9.52
N ARG D 164 26.15 14.78 8.43
CA ARG D 164 25.36 14.81 7.20
C ARG D 164 23.99 14.20 7.48
N PHE D 165 23.99 13.07 8.19
CA PHE D 165 22.74 12.44 8.59
C PHE D 165 21.84 13.46 9.27
N PHE D 166 22.36 14.11 10.30
CA PHE D 166 21.57 15.09 11.06
C PHE D 166 21.17 16.34 10.29
N GLU D 167 21.96 16.72 9.30
CA GLU D 167 21.58 17.81 8.42
C GLU D 167 20.36 17.39 7.61
N ALA D 168 20.38 16.17 7.08
CA ALA D 168 19.26 15.64 6.29
C ALA D 168 17.99 15.65 7.12
N VAL D 169 18.10 15.22 8.37
CA VAL D 169 16.99 15.22 9.30
C VAL D 169 16.40 16.62 9.44
N ARG D 170 17.23 17.59 9.79
CA ARG D 170 16.76 18.96 10.02
C ARG D 170 16.04 19.51 8.80
N GLN D 171 16.60 19.25 7.61
CA GLN D 171 16.04 19.79 6.39
C GLN D 171 14.71 19.14 6.00
N THR D 172 14.52 17.89 6.39
CA THR D 172 13.26 17.21 6.10
C THR D 172 12.10 17.92 6.80
N TYR D 173 12.27 18.32 8.06
CA TYR D 173 11.21 19.00 8.79
C TYR D 173 10.83 20.29 8.11
N LEU D 174 11.83 21.02 7.64
CA LEU D 174 11.59 22.30 7.01
C LEU D 174 10.86 22.08 5.70
N GLN D 175 11.28 21.05 4.97
CA GLN D 175 10.68 20.74 3.67
C GLN D 175 9.22 20.38 3.84
N ARG D 176 8.93 19.53 4.81
CA ARG D 176 7.54 19.14 5.08
C ARG D 176 6.72 20.30 5.62
N ALA D 177 7.34 21.13 6.45
CA ALA D 177 6.65 22.31 6.95
C ALA D 177 6.30 23.27 5.82
N ALA D 178 7.24 23.44 4.89
CA ALA D 178 7.03 24.27 3.71
C ALA D 178 5.85 23.79 2.87
N GLN D 179 5.66 22.47 2.80
CA GLN D 179 4.64 21.89 1.93
C GLN D 179 3.22 21.96 2.50
N ALA D 180 3.10 21.89 3.81
CA ALA D 180 1.78 22.01 4.43
C ALA D 180 1.79 23.06 5.53
N PRO D 181 1.91 24.34 5.13
CA PRO D 181 2.10 25.44 6.08
C PRO D 181 0.99 25.53 7.13
N GLU D 182 -0.21 25.07 6.78
CA GLU D 182 -1.34 25.16 7.70
C GLU D 182 -1.24 24.22 8.90
N ARG D 183 -0.49 23.13 8.76
CA ARG D 183 -0.40 22.11 9.80
C ARG D 183 0.81 22.34 10.72
N TYR D 184 1.73 23.20 10.28
CA TYR D 184 2.98 23.40 10.98
C TYR D 184 3.18 24.82 11.46
N GLN D 185 3.95 24.96 12.53
CA GLN D 185 4.51 26.24 12.93
C GLN D 185 5.97 25.96 13.20
N VAL D 186 6.86 26.66 12.49
CA VAL D 186 8.28 26.44 12.67
C VAL D 186 8.84 27.49 13.62
N LEU D 187 9.45 27.03 14.70
CA LEU D 187 10.00 27.92 15.71
C LEU D 187 11.52 27.91 15.61
N ASP D 188 12.11 29.09 15.70
CA ASP D 188 13.58 29.21 15.71
C ASP D 188 14.05 28.94 17.13
N ALA D 189 14.52 27.73 17.37
CA ALA D 189 14.94 27.33 18.71
C ALA D 189 16.33 27.85 19.03
N GLY D 190 16.92 28.59 18.09
CA GLY D 190 18.24 29.18 18.29
C GLY D 190 18.14 30.50 19.03
N LEU D 191 16.94 31.07 19.06
CA LEU D 191 16.66 32.29 19.81
C LEU D 191 16.67 32.02 21.31
N PRO D 192 16.77 33.09 22.13
CA PRO D 192 16.70 32.93 23.58
C PRO D 192 15.34 32.39 24.00
N LEU D 193 15.32 31.58 25.06
CA LEU D 193 14.09 30.96 25.53
C LEU D 193 12.91 31.93 25.55
N ALA D 194 13.15 33.13 26.05
CA ALA D 194 12.07 34.10 26.17
C ALA D 194 11.43 34.38 24.82
N GLU D 195 12.23 34.36 23.76
CA GLU D 195 11.70 34.63 22.43
C GLU D 195 10.91 33.45 21.88
N VAL D 196 11.34 32.24 22.22
CA VAL D 196 10.58 31.05 21.83
C VAL D 196 9.24 30.99 22.56
N GLN D 197 9.25 31.18 23.89
CA GLN D 197 8.02 31.23 24.66
C GLN D 197 7.08 32.31 24.13
N ALA D 198 7.64 33.45 23.72
CA ALA D 198 6.82 34.50 23.16
C ALA D 198 6.11 33.98 21.91
N GLY D 199 6.77 33.06 21.21
CA GLY D 199 6.19 32.46 20.01
C GLY D 199 5.00 31.58 20.36
N LEU D 200 5.14 30.82 21.44
CA LEU D 200 4.06 30.02 21.98
C LEU D 200 2.84 30.88 22.40
N ASP D 201 3.10 31.99 23.08
CA ASP D 201 2.01 32.91 23.45
C ASP D 201 1.30 33.38 22.20
N ARG D 202 2.08 33.72 21.19
CA ARG D 202 1.58 34.26 19.94
C ARG D 202 0.66 33.27 19.20
N LEU D 203 1.03 32.00 19.23
CA LEU D 203 0.27 30.96 18.49
C LEU D 203 -0.84 30.32 19.31
N LEU D 204 -0.82 30.49 20.63
CA LEU D 204 -1.84 29.87 21.48
C LEU D 204 -3.30 30.11 21.04
N PRO D 205 -3.66 31.37 20.72
CA PRO D 205 -5.04 31.60 20.28
C PRO D 205 -5.44 30.78 19.02
N ASN D 206 -4.52 30.61 18.07
CA ASN D 206 -4.83 29.79 16.90
C ASN D 206 -5.03 28.34 17.32
N LEU D 207 -4.22 27.90 18.27
CA LEU D 207 -4.34 26.54 18.76
C LEU D 207 -5.70 26.34 19.42
N LEU D 208 -6.13 27.31 20.22
CA LEU D 208 -7.42 27.23 20.92
C LEU D 208 -8.59 27.32 19.95
N GLU D 209 -8.42 28.10 18.89
CA GLU D 209 -9.41 28.18 17.81
C GLU D 209 -9.59 26.79 17.15
N ARG D 210 -8.51 26.02 17.01
CA ARG D 210 -8.61 24.66 16.47
C ARG D 210 -9.35 23.75 17.43
N LEU D 211 -9.10 23.96 18.72
CA LEU D 211 -9.67 23.11 19.75
C LEU D 211 -11.18 23.24 19.76
N ASN D 212 -11.66 24.47 19.62
CA ASN D 212 -13.09 24.73 19.49
C ASN D 212 -13.53 24.79 18.02
P ATM E . 1.92 -0.88 -28.00
OP1 ATM E . 2.20 -2.21 -27.42
OP2 ATM E . 0.97 -1.01 -29.23
OP3 ATM E . 3.21 -0.27 -28.43
O5' ATM E . 1.19 0.07 -26.99
C5' ATM E . 1.62 0.15 -25.68
C4' ATM E . 1.97 1.50 -25.20
O4' ATM E . 1.62 1.54 -23.86
C3' ATM E . 3.47 1.62 -25.27
N3' ATM E . 3.81 2.93 -25.67
N4' ATM E . 5.01 2.92 -26.30
N5' ATM E . 6.05 2.85 -26.84
C2' ATM E . 3.96 1.30 -23.91
C1' ATM E . 2.84 1.67 -23.03
N1 ATM E . 2.67 0.97 -21.79
C2 ATM E . 2.84 1.64 -20.62
O2 ATM E . 3.17 2.88 -20.62
N3 ATM E . 2.66 1.01 -19.44
C4 ATM E . 2.30 -0.29 -19.37
O4 ATM E . 2.13 -0.85 -18.19
C5 ATM E . 2.10 -1.01 -20.57
C5A ATM E . 1.69 -2.47 -20.53
C6 ATM E . 2.31 -0.34 -21.79
CL CL F . -2.49 -10.16 -28.66
C1 GOL G . 19.19 -14.06 -18.02
O1 GOL G . 19.21 -13.30 -19.20
C2 GOL G . 18.33 -15.30 -18.26
O2 GOL G . 18.52 -15.75 -19.59
C3 GOL G . 18.60 -16.44 -17.27
O3 GOL G . 17.37 -17.07 -16.98
P ATM H . 6.75 -21.15 17.93
OP1 ATM H . 6.58 -22.17 16.85
OP2 ATM H . 8.27 -20.94 18.20
OP3 ATM H . 6.08 -21.60 19.17
O5' ATM H . 6.14 -19.79 17.43
C5' ATM H . 5.68 -18.83 18.32
C4' ATM H . 4.35 -18.24 18.01
O4' ATM H . 4.49 -17.22 17.09
C3' ATM H . 3.45 -19.27 17.39
N3' ATM H . 2.45 -19.68 18.29
N4' ATM H . 2.89 -19.73 19.57
N5' ATM H . 3.31 -19.76 20.66
C2' ATM H . 2.81 -18.60 16.24
C1' ATM H . 3.22 -17.19 16.34
N1 ATM H . 3.38 -16.55 15.07
C2 ATM H . 2.47 -15.62 14.62
O2 ATM H . 1.46 -15.35 15.32
N3 ATM H . 2.65 -15.02 13.42
C4 ATM H . 3.73 -15.30 12.66
O4 ATM H . 3.91 -14.71 11.50
C5 ATM H . 4.68 -16.23 13.13
C5A ATM H . 5.91 -16.58 12.31
C6 ATM H . 4.46 -16.86 14.36
CL CL I . 15.50 -23.09 14.36
C1 GOL J . 5.29 -29.35 16.24
O1 GOL J . 4.66 -29.49 15.00
C2 GOL J . 6.70 -29.90 16.22
O2 GOL J . 7.60 -28.94 16.75
C3 GOL J . 6.71 -31.19 17.03
O3 GOL J . 6.26 -30.97 18.35
C1 GOL K . 23.00 -41.49 6.67
O1 GOL K . 22.90 -40.21 7.25
C2 GOL K . 22.24 -42.52 7.49
O2 GOL K . 20.83 -42.31 7.40
C3 GOL K . 22.56 -43.90 6.92
O3 GOL K . 23.93 -44.19 7.06
P ATM L . -23.95 10.50 -10.73
OP1 ATM L . -24.90 10.18 -9.64
OP2 ATM L . -24.72 11.01 -11.97
OP3 ATM L . -22.99 11.53 -10.26
O5' ATM L . -23.17 9.20 -11.13
C5' ATM L . -22.22 8.70 -10.27
C4' ATM L . -22.27 7.26 -9.97
O4' ATM L . -21.00 6.81 -9.66
C3' ATM L . -23.12 7.04 -8.76
N3' ATM L . -23.86 5.84 -8.90
N4' ATM L . -25.07 6.01 -8.32
N5' ATM L . -26.13 6.07 -7.85
C2' ATM L . -22.16 6.90 -7.66
C1' ATM L . -21.01 6.26 -8.30
N1 ATM L . -19.76 6.47 -7.63
C2 ATM L . -19.09 5.42 -7.07
O2 ATM L . -19.58 4.25 -7.15
N3 ATM L . -17.92 5.63 -6.45
C4 ATM L . -17.37 6.86 -6.37
O4 ATM L . -16.20 7.03 -5.76
C5 ATM L . -18.03 7.96 -6.95
C5A ATM L . -17.43 9.35 -6.89
C6 ATM L . -19.26 7.73 -7.59
CL CL M . -20.46 19.86 -10.91
CL CL N . -25.62 8.00 -2.80
P ATM O . 14.60 10.97 21.81
OP1 ATM O . 14.98 10.25 23.06
OP2 ATM O . 13.30 11.79 22.06
OP3 ATM O . 15.69 11.88 21.44
O5' ATM O . 14.25 9.97 20.62
C5' ATM O . 14.97 8.86 20.26
C4' ATM O . 15.35 8.68 18.83
O4' ATM O . 14.32 8.12 18.07
C3' ATM O . 15.64 10.01 18.20
N3' ATM O . 17.04 10.19 18.15
N4' ATM O . 17.65 9.87 19.33
N5' ATM O . 18.18 9.60 20.34
C2' ATM O . 15.06 9.97 16.84
C1' ATM O . 14.48 8.62 16.70
N1 ATM O . 13.23 8.52 15.98
C2 ATM O . 13.22 8.09 14.69
O2 ATM O . 14.30 7.81 14.11
N3 ATM O . 12.04 7.98 14.02
C4 ATM O . 10.87 8.29 14.62
O4 ATM O . 9.74 8.15 13.96
C5 ATM O . 10.86 8.71 15.98
C5A ATM O . 9.57 9.06 16.69
C6 ATM O . 12.09 8.83 16.64
CA CA P . 25.53 6.83 9.17
CL CL Q . 15.43 15.99 15.24
CL CL R . 6.56 12.50 27.66
#